data_6PU6
#
_entry.id   6PU6
#
_cell.length_a   47.580
_cell.length_b   139.000
_cell.length_c   54.490
_cell.angle_alpha   90.000
_cell.angle_beta   111.670
_cell.angle_gamma   90.000
#
_symmetry.space_group_name_H-M   'P 1 21 1'
#
loop_
_entity.id
_entity.type
_entity.pdbx_description
1 polymer 'UPF0284 protein MJ1598'
2 non-polymer 'NICOTINATE MONONUCLEOTIDE'
3 non-polymer "ALPHA-RIBAZOLE-5'-PHOSPHATE"
4 non-polymer 'NICOTINIC ACID'
5 water water
#
_entity_poly.entity_id   1
_entity_poly.type   'polypeptide(L)'
_entity_poly.pdbx_seq_one_letter_code
;MSIIAINENGFLDKIKGRNPLFTCVISSIETTLSIPISGVHRDVIKYTPSADVELVFYGKSLTLKTPPIDATGSPTPATI
TRACVELKNIKNLHIDAGAFVKPKIPFIEIDEKPTGRIEEGKAMNNSKELYMKGYLLGKNLDAELLIVGESVPGGTTTAL
GVLLGLGYDAEGKVSSGSINNPHELKIKVVREGLKKAGINEKSSVFDVLNAVGDKMMPVVAGLAISFAERNKPVILAGGT
QMSAVLAVIKEINKKVLDKNLIAIGTTEFVLNDKKGDLKGIVEQIGNVPVLASKFYFEKAKIEGLKNYCKGSVKEGVGAG
GIAVYSIVNDLEPTKIREFIENKFYEWYKE
;
_entity_poly.pdbx_strand_id   A,B
#
# COMPACT_ATOMS: atom_id res chain seq x y z
N MET A 1 -16.57 -17.59 25.46
CA MET A 1 -15.59 -17.88 26.51
C MET A 1 -14.56 -16.76 26.70
N SER A 2 -13.67 -16.59 25.72
CA SER A 2 -12.58 -15.61 25.80
C SER A 2 -12.94 -14.29 25.12
N ILE A 3 -14.22 -13.96 25.01
CA ILE A 3 -14.66 -12.76 24.29
C ILE A 3 -15.86 -12.15 25.01
N ILE A 4 -15.68 -10.96 25.57
CA ILE A 4 -16.82 -10.21 26.11
C ILE A 4 -17.47 -9.41 25.00
N ALA A 5 -18.80 -9.48 24.91
CA ALA A 5 -19.53 -8.82 23.84
C ALA A 5 -20.66 -7.98 24.41
N ILE A 6 -20.60 -6.67 24.20
CA ILE A 6 -21.76 -5.80 24.36
C ILE A 6 -22.49 -5.76 23.03
N ASN A 7 -23.81 -5.93 23.07
CA ASN A 7 -24.64 -5.92 21.88
C ASN A 7 -23.97 -6.67 20.72
N GLU A 8 -23.46 -7.86 21.04
CA GLU A 8 -22.89 -8.76 20.04
C GLU A 8 -23.70 -8.73 18.75
N ASN A 9 -25.00 -8.97 18.86
CA ASN A 9 -25.92 -8.78 17.74
C ASN A 9 -25.55 -9.65 16.54
N GLY A 10 -24.97 -10.82 16.77
CA GLY A 10 -24.65 -11.75 15.70
C GLY A 10 -23.40 -11.43 14.91
N PHE A 11 -22.74 -10.31 15.19
CA PHE A 11 -21.53 -9.96 14.46
C PHE A 11 -20.50 -11.09 14.47
N LEU A 12 -20.47 -11.86 15.56
CA LEU A 12 -19.41 -12.86 15.70
C LEU A 12 -19.44 -13.88 14.57
N ASP A 13 -20.64 -14.31 14.16
CA ASP A 13 -20.74 -15.30 13.11
C ASP A 13 -20.35 -14.70 11.76
N LYS A 14 -20.77 -13.46 11.52
CA LYS A 14 -20.44 -12.79 10.28
C LYS A 14 -18.94 -12.76 10.02
N ILE A 15 -18.13 -12.96 11.05
CA ILE A 15 -16.67 -12.91 10.90
C ILE A 15 -16.01 -14.27 11.04
N LYS A 16 -16.71 -15.28 11.52
CA LYS A 16 -16.11 -16.60 11.58
C LYS A 16 -15.87 -17.11 10.17
N GLY A 17 -14.72 -17.72 9.96
CA GLY A 17 -14.33 -18.22 8.65
C GLY A 17 -13.68 -17.22 7.71
N ARG A 18 -14.26 -16.02 7.61
CA ARG A 18 -13.90 -15.10 6.54
C ARG A 18 -12.45 -14.67 6.62
N ASN A 19 -11.83 -14.45 5.44
CA ASN A 19 -10.40 -14.17 5.46
C ASN A 19 -10.16 -12.67 5.48
N PRO A 20 -9.24 -12.19 6.32
CA PRO A 20 -9.20 -10.77 6.61
C PRO A 20 -7.96 -10.07 6.06
N LEU A 21 -8.04 -8.77 5.94
CA LEU A 21 -6.86 -7.91 5.82
C LEU A 21 -6.74 -7.12 7.12
N PHE A 22 -5.58 -7.21 7.77
CA PHE A 22 -5.26 -6.32 8.89
C PHE A 22 -4.38 -5.17 8.41
N THR A 23 -4.82 -3.95 8.71
CA THR A 23 -4.05 -2.76 8.42
C THR A 23 -4.06 -1.86 9.64
N CYS A 24 -2.90 -1.29 9.95
CA CYS A 24 -2.72 -0.33 11.04
C CYS A 24 -2.44 1.03 10.44
N VAL A 25 -3.19 2.05 10.89
CA VAL A 25 -2.99 3.43 10.47
C VAL A 25 -2.27 4.17 11.59
N ILE A 26 -1.12 4.77 11.26
CA ILE A 26 -0.29 5.45 12.25
C ILE A 26 -0.24 6.94 11.97
N SER A 27 0.10 7.68 13.00
CA SER A 27 0.20 9.10 12.96
C SER A 27 0.91 9.60 14.20
N SER A 28 1.23 10.86 14.19
CA SER A 28 1.92 11.49 15.27
C SER A 28 1.27 12.83 15.52
N ILE A 29 1.36 13.31 16.74
CA ILE A 29 0.76 14.57 17.08
C ILE A 29 1.80 15.54 17.63
N GLU A 30 1.90 16.72 17.05
CA GLU A 30 2.90 17.71 17.50
C GLU A 30 2.79 18.02 18.97
N THR A 31 1.58 18.18 19.46
CA THR A 31 1.29 18.43 20.86
C THR A 31 2.00 17.52 21.86
N THR A 32 2.21 16.25 21.56
CA THR A 32 2.93 15.33 22.42
C THR A 32 4.45 15.54 22.55
N LEU A 33 5.02 16.49 21.83
CA LEU A 33 6.42 16.81 21.91
C LEU A 33 6.65 17.90 22.95
N SER A 34 5.58 18.42 23.52
CA SER A 34 5.71 19.47 24.51
C SER A 34 4.85 19.31 25.74
N ILE A 35 3.70 18.68 25.59
CA ILE A 35 2.71 18.52 26.65
C ILE A 35 2.56 17.03 26.93
N PRO A 36 2.56 16.62 28.23
CA PRO A 36 2.52 15.20 28.61
C PRO A 36 1.12 14.57 28.58
N ILE A 37 0.42 14.72 27.46
CA ILE A 37 -0.89 14.08 27.32
C ILE A 37 -0.77 12.58 27.10
N SER A 38 0.36 12.08 26.62
CA SER A 38 0.47 10.69 26.20
C SER A 38 1.31 9.84 27.15
N GLY A 39 0.96 8.57 27.18
CA GLY A 39 1.60 7.58 28.01
C GLY A 39 2.77 6.87 27.38
N VAL A 40 3.34 7.45 26.36
CA VAL A 40 4.48 6.86 25.69
C VAL A 40 5.66 7.68 26.13
N HIS A 41 6.76 7.01 26.45
CA HIS A 41 7.95 7.70 26.90
C HIS A 41 8.40 8.72 25.89
N ARG A 42 8.70 9.92 26.34
CA ARG A 42 9.09 10.99 25.44
C ARG A 42 10.26 10.68 24.53
N ASP A 43 11.26 9.97 25.02
CA ASP A 43 12.44 9.63 24.22
C ASP A 43 12.19 8.77 22.99
N VAL A 44 11.12 7.99 22.97
CA VAL A 44 10.83 7.12 21.88
C VAL A 44 9.51 7.42 21.24
N ILE A 45 8.85 8.49 21.61
CA ILE A 45 7.54 8.76 21.06
C ILE A 45 7.51 9.14 19.59
N LYS A 46 8.59 9.69 19.10
CA LYS A 46 8.68 10.10 17.75
C LYS A 46 8.93 8.91 16.91
N TYR A 47 9.39 7.84 17.52
CA TYR A 47 9.79 6.69 16.73
C TYR A 47 8.93 5.47 16.95
N THR A 48 7.90 5.58 17.78
CA THR A 48 7.06 4.47 18.16
C THR A 48 6.12 3.86 17.14
N PRO A 49 5.34 4.67 16.47
CA PRO A 49 4.42 4.13 15.50
C PRO A 49 5.12 3.33 14.40
N SER A 50 6.19 3.87 13.84
CA SER A 50 6.92 3.24 12.78
C SER A 50 7.47 1.93 13.27
N ALA A 51 8.04 1.94 14.46
CA ALA A 51 8.57 0.73 15.02
C ALA A 51 7.49 -0.28 15.34
N ASP A 52 6.30 0.15 15.71
CA ASP A 52 5.22 -0.79 15.96
C ASP A 52 4.84 -1.57 14.71
N VAL A 53 4.65 -0.88 13.60
CA VAL A 53 4.22 -1.60 12.41
C VAL A 53 5.38 -2.38 11.77
N GLU A 54 6.63 -1.91 11.96
CA GLU A 54 7.76 -2.76 11.60
C GLU A 54 7.66 -4.12 12.28
N LEU A 55 7.55 -4.12 13.61
CA LEU A 55 7.44 -5.38 14.33
C LEU A 55 6.36 -6.28 13.74
N VAL A 56 5.22 -5.70 13.38
CA VAL A 56 4.04 -6.49 13.00
C VAL A 56 4.20 -7.11 11.61
N PHE A 57 4.77 -6.35 10.66
CA PHE A 57 4.87 -6.74 9.26
C PHE A 57 6.11 -7.60 9.00
N TYR A 58 7.24 -7.21 9.59
CA TYR A 58 8.57 -7.77 9.34
C TYR A 58 9.14 -8.58 10.49
N GLY A 59 8.53 -8.54 11.68
CA GLY A 59 8.97 -9.32 12.82
C GLY A 59 10.02 -8.67 13.71
N LYS A 60 10.37 -7.43 13.46
CA LYS A 60 11.31 -6.76 14.29
C LYS A 60 11.36 -5.27 13.96
N SER A 61 11.74 -4.43 14.91
CA SER A 61 11.79 -2.99 14.77
C SER A 61 13.14 -2.55 14.24
N LEU A 62 13.13 -1.52 13.40
CA LEU A 62 14.31 -1.09 12.66
C LEU A 62 14.70 0.36 12.91
N THR A 63 13.74 1.24 13.14
CA THR A 63 14.06 2.61 13.53
C THR A 63 14.56 2.70 14.96
N LEU A 64 14.20 1.73 15.80
CA LEU A 64 14.70 1.58 17.16
C LEU A 64 15.45 0.26 17.28
N LYS A 65 16.34 0.18 18.25
CA LYS A 65 17.06 -1.08 18.46
C LYS A 65 16.14 -2.16 19.03
N THR A 66 14.96 -1.80 19.53
CA THR A 66 14.05 -2.75 20.18
C THR A 66 12.65 -2.16 20.16
N PRO A 67 11.60 -2.99 20.19
CA PRO A 67 10.23 -2.45 20.12
C PRO A 67 9.93 -1.55 21.30
N PRO A 68 8.94 -0.64 21.19
CA PRO A 68 8.66 0.31 22.26
C PRO A 68 8.22 -0.37 23.56
N GLY A 73 8.58 1.47 32.01
CA GLY A 73 7.79 1.47 30.80
C GLY A 73 7.53 0.07 30.30
N SER A 74 6.29 -0.27 30.02
CA SER A 74 5.99 -1.62 29.57
C SER A 74 6.17 -1.84 28.06
N PRO A 75 5.83 -3.05 27.57
CA PRO A 75 5.96 -3.55 26.20
C PRO A 75 4.80 -3.30 25.26
N THR A 76 5.11 -2.68 24.13
CA THR A 76 4.14 -2.36 23.09
C THR A 76 3.27 -3.53 22.71
N PRO A 77 1.98 -3.28 22.45
CA PRO A 77 1.00 -4.30 22.07
C PRO A 77 1.11 -4.86 20.64
N ALA A 78 2.10 -4.44 19.86
CA ALA A 78 2.37 -4.92 18.55
C ALA A 78 2.76 -6.37 18.72
N THR A 79 3.37 -6.70 19.84
CA THR A 79 3.70 -8.05 20.13
C THR A 79 2.42 -8.84 20.05
N ILE A 80 1.32 -8.31 20.55
CA ILE A 80 0.08 -9.06 20.46
C ILE A 80 -0.35 -9.17 19.03
N THR A 81 -0.20 -8.09 18.28
CA THR A 81 -0.58 -8.07 16.88
C THR A 81 0.36 -8.96 16.11
N ARG A 82 1.64 -8.84 16.40
CA ARG A 82 2.63 -9.65 15.74
C ARG A 82 2.32 -11.08 15.99
N ALA A 83 2.09 -11.43 17.23
CA ALA A 83 1.75 -12.78 17.56
C ALA A 83 0.62 -13.30 16.71
N CYS A 84 -0.48 -12.58 16.62
CA CYS A 84 -1.60 -13.06 15.84
C CYS A 84 -1.39 -13.21 14.34
N VAL A 85 -0.58 -12.38 13.73
CA VAL A 85 -0.39 -12.51 12.28
C VAL A 85 0.32 -13.83 11.96
N GLU A 86 1.24 -14.21 12.82
CA GLU A 86 2.01 -15.44 12.66
C GLU A 86 1.24 -16.69 12.98
N LEU A 87 0.28 -16.59 13.88
CA LEU A 87 -0.46 -17.77 14.25
C LEU A 87 -1.68 -18.01 13.43
N LYS A 88 -2.09 -17.04 12.65
CA LYS A 88 -3.26 -17.26 11.86
C LYS A 88 -3.02 -16.73 10.51
N ASN A 89 -1.75 -16.46 10.24
CA ASN A 89 -1.32 -15.95 8.96
C ASN A 89 -2.23 -14.93 8.41
N ILE A 90 -2.35 -13.87 9.16
CA ILE A 90 -3.16 -12.73 8.75
C ILE A 90 -2.30 -11.84 7.85
N LYS A 91 -2.80 -11.56 6.66
CA LYS A 91 -2.11 -10.63 5.78
C LYS A 91 -2.30 -9.22 6.30
N ASN A 92 -1.25 -8.43 6.19
CA ASN A 92 -1.23 -7.11 6.82
C ASN A 92 -0.45 -6.13 5.97
N LEU A 93 -1.02 -4.95 5.76
CA LEU A 93 -0.41 -3.82 5.08
C LEU A 93 -0.70 -2.57 5.90
N HIS A 94 0.28 -1.70 6.06
CA HIS A 94 0.20 -0.61 7.02
C HIS A 94 0.29 0.74 6.33
N ILE A 95 -0.33 1.72 6.97
CA ILE A 95 -0.68 3.01 6.39
C ILE A 95 -0.11 4.13 7.26
N ASP A 96 0.50 5.12 6.65
CA ASP A 96 1.04 6.26 7.36
C ASP A 96 0.23 7.50 7.08
N ALA A 97 -0.14 8.18 8.15
CA ALA A 97 -0.90 9.39 8.06
C ALA A 97 -0.29 10.43 8.98
N GLY A 98 1.01 10.57 8.92
CA GLY A 98 1.67 11.60 9.68
C GLY A 98 2.61 11.29 10.80
N ALA A 99 3.17 10.11 10.82
CA ALA A 99 4.11 9.80 11.86
C ALA A 99 5.40 10.60 11.62
N PHE A 100 6.07 10.99 12.69
CA PHE A 100 7.28 11.79 12.63
C PHE A 100 8.41 11.14 11.87
N VAL A 101 8.53 9.85 12.06
CA VAL A 101 9.50 9.04 11.42
C VAL A 101 8.78 7.92 10.68
N LYS A 102 9.00 7.87 9.38
CA LYS A 102 8.38 6.89 8.55
C LYS A 102 8.99 5.54 8.75
N PRO A 103 8.22 4.48 8.59
CA PRO A 103 8.71 3.12 8.78
C PRO A 103 9.72 2.69 7.74
N LYS A 104 10.48 1.68 8.10
CA LYS A 104 11.46 1.17 7.19
C LYS A 104 10.94 -0.04 6.45
N ILE A 105 9.68 -0.36 6.63
CA ILE A 105 9.08 -1.43 5.88
C ILE A 105 8.20 -0.84 4.81
N PRO A 106 7.90 -1.60 3.79
CA PRO A 106 6.94 -1.10 2.80
C PRO A 106 5.64 -0.64 3.46
N PHE A 107 5.20 0.57 3.15
CA PHE A 107 3.99 1.12 3.77
C PHE A 107 3.27 2.03 2.79
N ILE A 108 1.99 2.21 3.04
CA ILE A 108 1.17 3.07 2.19
C ILE A 108 1.21 4.48 2.77
N GLU A 109 1.78 5.39 2.00
CA GLU A 109 1.92 6.78 2.42
C GLU A 109 0.67 7.55 1.96
N ILE A 110 -0.11 8.05 2.91
CA ILE A 110 -1.29 8.84 2.61
C ILE A 110 -1.08 10.32 2.90
N ASP A 111 -0.36 10.64 3.98
CA ASP A 111 -0.04 12.02 4.31
C ASP A 111 1.24 11.96 5.12
N GLU A 112 2.31 12.61 4.63
CA GLU A 112 3.54 12.57 5.42
C GLU A 112 3.52 13.54 6.62
N LYS A 113 2.78 14.65 6.51
CA LYS A 113 2.81 15.69 7.54
C LYS A 113 2.05 15.26 8.80
N PRO A 114 2.66 15.35 9.97
CA PRO A 114 1.98 14.95 11.22
C PRO A 114 0.71 15.74 11.52
N THR A 115 -0.06 15.19 12.47
CA THR A 115 -1.16 15.92 13.09
C THR A 115 -0.61 17.13 13.85
N GLY A 116 -1.26 18.27 13.70
CA GLY A 116 -0.75 19.51 14.23
C GLY A 116 -0.94 19.69 15.72
N ARG A 117 -1.12 20.96 16.14
CA ARG A 117 -1.19 21.31 17.56
C ARG A 117 -2.66 21.34 18.00
N ILE A 118 -3.05 20.33 18.78
CA ILE A 118 -4.44 20.20 19.18
C ILE A 118 -4.90 21.44 19.95
N GLU A 119 -4.06 21.92 20.89
CA GLU A 119 -4.47 23.02 21.75
C GLU A 119 -4.75 24.30 20.96
N GLU A 120 -4.10 24.48 19.81
CA GLU A 120 -4.37 25.64 18.98
C GLU A 120 -5.53 25.43 18.00
N GLY A 121 -6.14 24.25 17.98
CA GLY A 121 -7.15 23.98 16.97
C GLY A 121 -6.59 23.86 15.57
N LYS A 122 -5.38 23.36 15.44
CA LYS A 122 -4.75 23.27 14.13
C LYS A 122 -4.23 21.87 13.91
N ALA A 123 -5.03 20.86 14.29
CA ALA A 123 -4.64 19.47 14.08
C ALA A 123 -4.28 19.20 12.61
N MET A 124 -5.06 19.76 11.68
CA MET A 124 -4.99 19.42 10.28
C MET A 124 -5.95 20.33 9.52
N ASN A 125 -5.81 20.36 8.20
CA ASN A 125 -6.70 21.16 7.38
C ASN A 125 -7.30 20.34 6.25
N ASN A 126 -7.08 19.02 6.24
CA ASN A 126 -7.42 18.14 5.12
C ASN A 126 -8.20 16.91 5.56
N SER A 127 -9.05 17.03 6.59
CA SER A 127 -9.74 15.83 7.11
C SER A 127 -10.66 15.22 6.06
N LYS A 128 -11.45 16.05 5.38
CA LYS A 128 -12.29 15.56 4.28
C LYS A 128 -11.48 14.89 3.18
N GLU A 129 -10.34 15.49 2.80
CA GLU A 129 -9.49 14.88 1.78
C GLU A 129 -8.89 13.57 2.28
N LEU A 130 -8.47 13.53 3.55
CA LEU A 130 -7.97 12.28 4.11
C LEU A 130 -9.07 11.21 4.12
N TYR A 131 -10.32 11.59 4.37
CA TYR A 131 -11.40 10.61 4.35
C TYR A 131 -11.63 10.10 2.92
N MET A 132 -11.62 11.02 1.93
CA MET A 132 -11.78 10.57 0.54
C MET A 132 -10.66 9.64 0.11
N LYS A 133 -9.43 9.86 0.60
CA LYS A 133 -8.33 8.96 0.28
C LYS A 133 -8.49 7.60 0.95
N GLY A 134 -8.85 7.57 2.23
CA GLY A 134 -9.07 6.29 2.90
C GLY A 134 -10.18 5.50 2.24
N TYR A 135 -11.22 6.18 1.76
CA TYR A 135 -12.31 5.53 1.06
C TYR A 135 -11.83 4.95 -0.27
N LEU A 136 -11.19 5.78 -1.09
CA LEU A 136 -10.72 5.32 -2.39
C LEU A 136 -9.71 4.19 -2.25
N LEU A 137 -8.85 4.26 -1.22
CA LEU A 137 -7.96 3.13 -0.94
C LEU A 137 -8.76 1.90 -0.55
N GLY A 138 -9.80 2.09 0.28
CA GLY A 138 -10.70 0.99 0.58
C GLY A 138 -11.22 0.27 -0.65
N LYS A 139 -11.81 1.02 -1.59
CA LYS A 139 -12.29 0.48 -2.86
C LYS A 139 -11.30 -0.48 -3.52
N ASN A 140 -10.00 -0.21 -3.40
CA ASN A 140 -8.99 -0.99 -4.11
C ASN A 140 -8.34 -2.02 -3.22
N LEU A 141 -8.87 -2.22 -2.02
CA LEU A 141 -8.45 -3.31 -1.17
C LEU A 141 -9.52 -4.39 -1.23
N ASP A 142 -9.08 -5.63 -1.31
CA ASP A 142 -9.99 -6.76 -1.37
C ASP A 142 -9.72 -7.66 -0.18
N ALA A 143 -10.75 -7.88 0.62
CA ALA A 143 -10.74 -8.91 1.65
C ALA A 143 -12.19 -9.22 1.95
N GLU A 144 -12.43 -10.35 2.63
CA GLU A 144 -13.76 -10.62 3.12
C GLU A 144 -14.06 -9.85 4.41
N LEU A 145 -13.03 -9.52 5.18
CA LEU A 145 -13.16 -8.81 6.44
C LEU A 145 -11.96 -7.88 6.60
N LEU A 146 -12.23 -6.62 6.96
CA LEU A 146 -11.18 -5.66 7.25
C LEU A 146 -11.02 -5.50 8.75
N ILE A 147 -9.79 -5.68 9.24
CA ILE A 147 -9.43 -5.37 10.61
C ILE A 147 -8.46 -4.19 10.54
N VAL A 148 -8.91 -3.04 11.03
CA VAL A 148 -8.14 -1.83 10.99
C VAL A 148 -7.89 -1.22 12.35
N GLY A 149 -6.62 -1.20 12.71
CA GLY A 149 -6.15 -0.65 13.95
C GLY A 149 -5.37 0.62 13.79
N GLU A 150 -4.73 1.04 14.86
CA GLU A 150 -3.98 2.25 14.85
C GLU A 150 -2.79 2.27 15.78
N SER A 151 -1.99 3.31 15.66
CA SER A 151 -0.90 3.53 16.58
C SER A 151 -0.62 5.01 16.55
N VAL A 152 -1.26 5.74 17.45
CA VAL A 152 -1.10 7.16 17.51
C VAL A 152 -0.89 7.62 18.94
N PRO A 153 0.36 7.87 19.35
CA PRO A 153 0.62 8.38 20.70
C PRO A 153 -0.11 9.70 20.88
N GLY A 154 -0.80 9.83 22.02
CA GLY A 154 -1.67 10.95 22.24
C GLY A 154 -3.07 10.79 21.68
N GLY A 155 -3.38 9.65 21.04
CA GLY A 155 -4.64 9.48 20.35
C GLY A 155 -5.86 9.49 21.26
N THR A 156 -5.72 9.16 22.54
CA THR A 156 -6.89 9.26 23.41
C THR A 156 -7.30 10.71 23.62
N THR A 157 -6.36 11.64 23.49
CA THR A 157 -6.69 13.06 23.66
C THR A 157 -7.48 13.58 22.46
N THR A 158 -7.06 13.22 21.24
CA THR A 158 -7.79 13.63 20.04
C THR A 158 -9.15 12.96 19.98
N ALA A 159 -9.23 11.71 20.44
CA ALA A 159 -10.53 11.05 20.53
C ALA A 159 -11.47 11.82 21.45
N LEU A 160 -10.97 12.25 22.62
CA LEU A 160 -11.78 13.09 23.51
C LEU A 160 -12.23 14.36 22.82
N GLY A 161 -11.29 15.10 22.21
CA GLY A 161 -11.65 16.36 21.57
C GLY A 161 -12.65 16.17 20.44
N VAL A 162 -12.51 15.10 19.66
CA VAL A 162 -13.48 14.83 18.60
C VAL A 162 -14.86 14.53 19.20
N LEU A 163 -14.91 13.61 20.16
CA LEU A 163 -16.17 13.29 20.86
C LEU A 163 -16.81 14.55 21.47
N LEU A 164 -16.01 15.37 22.15
CA LEU A 164 -16.57 16.59 22.73
C LEU A 164 -17.04 17.56 21.65
N GLY A 165 -16.28 17.68 20.55
CA GLY A 165 -16.67 18.61 19.49
C GLY A 165 -17.95 18.20 18.77
N LEU A 166 -18.25 16.91 18.76
CA LEU A 166 -19.46 16.40 18.15
C LEU A 166 -20.65 16.37 19.11
N GLY A 167 -20.50 16.87 20.33
CA GLY A 167 -21.62 17.02 21.24
C GLY A 167 -21.87 15.85 22.18
N TYR A 168 -20.85 15.03 22.45
CA TYR A 168 -20.96 13.86 23.30
C TYR A 168 -20.49 14.19 24.71
N ASP A 169 -21.00 13.42 25.67
CA ASP A 169 -20.48 13.43 27.02
C ASP A 169 -19.34 12.42 27.06
N ALA A 170 -18.11 12.92 26.93
CA ALA A 170 -16.96 12.05 26.83
C ALA A 170 -15.89 12.30 27.89
N GLU A 171 -16.01 13.35 28.70
CA GLU A 171 -14.97 13.61 29.68
C GLU A 171 -14.93 12.48 30.69
N GLY A 172 -13.72 12.15 31.12
CA GLY A 172 -13.52 11.04 32.01
C GLY A 172 -13.74 9.69 31.38
N LYS A 173 -14.19 9.63 30.13
CA LYS A 173 -14.52 8.36 29.49
C LYS A 173 -13.43 7.82 28.58
N VAL A 174 -12.52 8.66 28.09
CA VAL A 174 -11.44 8.16 27.25
C VAL A 174 -10.44 7.40 28.11
N SER A 175 -9.81 6.39 27.51
CA SER A 175 -8.86 5.56 28.24
C SER A 175 -7.46 6.18 28.07
N SER A 176 -6.41 5.41 28.32
CA SER A 176 -5.08 6.00 28.24
C SER A 176 -4.05 4.91 28.00
N GLY A 177 -2.85 5.34 27.61
CA GLY A 177 -1.74 4.43 27.35
C GLY A 177 -1.15 3.79 28.59
N SER A 178 -0.70 4.62 29.53
CA SER A 178 -0.08 4.17 30.75
C SER A 178 -1.08 4.20 31.90
N ILE A 179 -0.64 3.77 33.09
CA ILE A 179 -1.55 3.67 34.22
C ILE A 179 -2.18 5.03 34.51
N ASN A 180 -1.39 6.09 34.42
CA ASN A 180 -1.87 7.45 34.68
C ASN A 180 -2.68 7.95 33.48
N ASN A 181 -3.78 8.64 33.79
CA ASN A 181 -4.74 9.12 32.77
C ASN A 181 -5.03 10.60 33.04
N PRO A 182 -4.12 11.50 32.64
CA PRO A 182 -4.34 12.93 32.91
C PRO A 182 -5.59 13.51 32.26
N HIS A 183 -6.74 13.07 32.70
CA HIS A 183 -7.97 13.51 32.09
C HIS A 183 -8.18 15.00 31.93
N GLU A 184 -7.73 15.77 32.90
CA GLU A 184 -8.05 17.19 32.89
C GLU A 184 -7.03 18.02 32.12
N LEU A 185 -5.77 17.57 32.06
CA LEU A 185 -4.87 18.09 31.02
C LEU A 185 -5.39 17.75 29.62
N LYS A 186 -5.90 16.53 29.45
CA LYS A 186 -6.51 16.19 28.17
C LYS A 186 -7.66 17.14 27.86
N ILE A 187 -8.51 17.41 28.84
CA ILE A 187 -9.71 18.22 28.60
C ILE A 187 -9.34 19.68 28.34
N LYS A 188 -8.40 20.23 29.10
CA LYS A 188 -8.01 21.61 28.83
C LYS A 188 -7.50 21.74 27.41
N VAL A 189 -6.62 20.82 26.97
CA VAL A 189 -6.06 20.85 25.62
C VAL A 189 -7.16 20.96 24.57
N VAL A 190 -8.04 19.95 24.51
CA VAL A 190 -8.98 19.89 23.40
C VAL A 190 -10.04 20.98 23.54
N ARG A 191 -10.35 21.42 24.76
CA ARG A 191 -11.29 22.51 24.89
C ARG A 191 -10.66 23.83 24.48
N GLU A 192 -9.42 24.09 24.91
CA GLU A 192 -8.67 25.19 24.29
C GLU A 192 -8.76 25.12 22.77
N GLY A 193 -8.43 23.97 22.18
CA GLY A 193 -8.38 23.86 20.74
C GLY A 193 -9.72 24.09 20.06
N LEU A 194 -10.77 23.46 20.60
CA LEU A 194 -12.12 23.68 20.06
C LEU A 194 -12.48 25.16 20.05
N LYS A 195 -12.13 25.89 21.12
CA LYS A 195 -12.45 27.31 21.19
C LYS A 195 -11.72 28.11 20.11
N LYS A 196 -10.39 27.94 20.03
CA LYS A 196 -9.62 28.65 18.99
C LYS A 196 -10.20 28.40 17.60
N ALA A 197 -10.61 27.16 17.33
CA ALA A 197 -11.12 26.85 15.98
C ALA A 197 -12.57 27.26 15.79
N GLY A 198 -13.23 27.74 16.83
CA GLY A 198 -14.61 28.15 16.72
C GLY A 198 -15.65 27.08 16.46
N ILE A 199 -15.42 25.88 16.95
CA ILE A 199 -16.35 24.81 16.73
C ILE A 199 -17.60 24.99 17.57
N ASN A 200 -18.75 24.86 16.95
CA ASN A 200 -20.00 24.90 17.67
C ASN A 200 -20.92 23.94 16.93
N GLU A 201 -22.19 23.83 17.32
CA GLU A 201 -23.06 22.90 16.64
C GLU A 201 -23.33 23.06 15.16
N LYS A 202 -22.93 24.17 14.57
CA LYS A 202 -23.09 24.36 13.15
C LYS A 202 -21.86 23.86 12.41
N SER A 203 -20.82 23.49 13.14
CA SER A 203 -19.60 22.96 12.56
C SER A 203 -19.83 21.58 11.97
N SER A 204 -19.04 21.19 10.99
CA SER A 204 -19.14 19.87 10.37
C SER A 204 -18.15 18.91 11.04
N VAL A 205 -18.39 17.62 10.82
CA VAL A 205 -17.45 16.62 11.33
C VAL A 205 -16.04 16.97 10.89
N PHE A 206 -15.88 17.57 9.71
CA PHE A 206 -14.53 17.84 9.19
C PHE A 206 -13.93 19.07 9.84
N ASP A 207 -14.72 20.12 10.09
CA ASP A 207 -14.24 21.22 10.93
C ASP A 207 -13.72 20.70 12.27
N VAL A 208 -14.47 19.78 12.89
CA VAL A 208 -14.06 19.23 14.18
C VAL A 208 -12.75 18.46 14.05
N LEU A 209 -12.67 17.59 13.04
CA LEU A 209 -11.45 16.82 12.84
C LEU A 209 -10.28 17.77 12.58
N ASN A 210 -10.52 18.85 11.86
CA ASN A 210 -9.44 19.77 11.53
C ASN A 210 -8.99 20.53 12.76
N ALA A 211 -9.90 20.74 13.72
CA ALA A 211 -9.55 21.42 14.97
C ALA A 211 -8.76 20.50 15.91
N VAL A 212 -9.30 19.30 16.21
CA VAL A 212 -8.72 18.57 17.32
C VAL A 212 -8.56 17.08 17.05
N GLY A 213 -8.86 16.65 15.83
CA GLY A 213 -8.70 15.26 15.45
C GLY A 213 -7.24 14.86 15.26
N ASP A 214 -7.04 13.59 14.97
CA ASP A 214 -5.77 13.14 14.44
C ASP A 214 -6.02 12.54 13.05
N LYS A 215 -4.95 12.42 12.26
CA LYS A 215 -5.13 12.13 10.84
C LYS A 215 -5.50 10.67 10.58
N MET A 216 -5.22 9.77 11.50
CA MET A 216 -5.68 8.43 11.28
C MET A 216 -7.18 8.33 11.33
N MET A 217 -7.83 9.15 12.13
CA MET A 217 -9.28 9.05 12.30
C MET A 217 -10.06 9.06 10.99
N PRO A 218 -9.96 10.11 10.17
CA PRO A 218 -10.77 10.14 8.95
C PRO A 218 -10.31 9.11 7.91
N VAL A 219 -9.06 8.69 7.95
CA VAL A 219 -8.61 7.64 7.05
C VAL A 219 -9.29 6.32 7.42
N VAL A 220 -9.34 6.02 8.71
CA VAL A 220 -10.03 4.80 9.15
C VAL A 220 -11.51 4.89 8.82
N ALA A 221 -12.13 6.05 9.08
CA ALA A 221 -13.51 6.28 8.66
C ALA A 221 -13.72 5.90 7.19
N GLY A 222 -12.84 6.37 6.30
CA GLY A 222 -12.99 6.06 4.87
C GLY A 222 -12.80 4.58 4.59
N LEU A 223 -11.76 3.99 5.16
CA LEU A 223 -11.57 2.55 5.03
C LEU A 223 -12.80 1.78 5.50
N ALA A 224 -13.33 2.14 6.68
CA ALA A 224 -14.45 1.38 7.23
C ALA A 224 -15.69 1.52 6.38
N ILE A 225 -16.00 2.74 5.95
CA ILE A 225 -17.22 2.97 5.20
C ILE A 225 -17.16 2.30 3.83
N SER A 226 -15.96 2.17 3.25
CA SER A 226 -15.89 1.58 1.92
C SER A 226 -16.15 0.08 1.97
N PHE A 227 -15.52 -0.61 2.93
CA PHE A 227 -15.74 -2.05 3.08
C PHE A 227 -17.19 -2.36 3.48
N ALA A 228 -17.77 -1.59 4.41
CA ALA A 228 -19.14 -1.85 4.87
C ALA A 228 -20.18 -1.49 3.79
N GLU A 229 -19.90 -0.49 2.96
CA GLU A 229 -20.74 -0.26 1.78
C GLU A 229 -20.81 -1.49 0.89
N ARG A 230 -19.71 -2.25 0.81
CA ARG A 230 -19.67 -3.45 -0.02
C ARG A 230 -20.13 -4.69 0.74
N ASN A 231 -20.86 -4.50 1.85
CA ASN A 231 -21.40 -5.60 2.66
C ASN A 231 -20.30 -6.48 3.24
N LYS A 232 -19.11 -5.92 3.45
CA LYS A 232 -18.08 -6.66 4.16
C LYS A 232 -18.03 -6.20 5.62
N PRO A 233 -17.78 -7.12 6.56
CA PRO A 233 -17.63 -6.72 7.95
C PRO A 233 -16.33 -5.96 8.20
N VAL A 234 -16.32 -5.16 9.26
CA VAL A 234 -15.18 -4.32 9.61
C VAL A 234 -15.02 -4.32 11.11
N ILE A 235 -13.84 -4.73 11.59
CA ILE A 235 -13.48 -4.56 12.99
C ILE A 235 -12.60 -3.31 13.09
N LEU A 236 -13.12 -2.30 13.77
CA LEU A 236 -12.32 -1.17 14.23
C LEU A 236 -11.51 -1.66 15.43
N ALA A 237 -10.24 -1.94 15.20
CA ALA A 237 -9.39 -2.57 16.21
C ALA A 237 -8.70 -1.46 17.00
N GLY A 238 -9.36 -1.08 18.10
CA GLY A 238 -8.88 -0.02 18.97
C GLY A 238 -9.86 0.16 20.11
N GLY A 239 -9.48 1.01 21.06
CA GLY A 239 -10.31 1.28 22.20
C GLY A 239 -11.14 2.53 22.06
N THR A 240 -10.99 3.46 23.02
CA THR A 240 -11.74 4.71 22.96
C THR A 240 -11.44 5.50 21.68
N GLN A 241 -10.23 5.37 21.14
CA GLN A 241 -9.93 6.05 19.88
C GLN A 241 -10.90 5.61 18.80
N MET A 242 -11.23 4.32 18.74
CA MET A 242 -12.17 3.83 17.76
C MET A 242 -13.60 4.26 18.04
N SER A 243 -13.95 4.58 19.29
CA SER A 243 -15.27 5.16 19.53
C SER A 243 -15.36 6.55 18.91
N ALA A 244 -14.27 7.32 18.95
CA ALA A 244 -14.23 8.59 18.23
C ALA A 244 -14.38 8.35 16.73
N VAL A 245 -13.65 7.37 16.20
CA VAL A 245 -13.81 7.02 14.79
C VAL A 245 -15.24 6.62 14.51
N LEU A 246 -15.83 5.79 15.39
CA LEU A 246 -17.21 5.36 15.19
C LEU A 246 -18.15 6.56 15.12
N ALA A 247 -18.01 7.50 16.03
CA ALA A 247 -18.76 8.74 15.95
C ALA A 247 -18.57 9.42 14.59
N VAL A 248 -17.34 9.47 14.10
CA VAL A 248 -17.07 10.11 12.81
C VAL A 248 -17.77 9.36 11.68
N ILE A 249 -17.70 8.03 11.69
CA ILE A 249 -18.41 7.25 10.68
C ILE A 249 -19.88 7.61 10.64
N LYS A 250 -20.46 8.00 11.79
CA LYS A 250 -21.90 8.19 11.87
C LYS A 250 -22.31 9.54 11.32
N GLU A 251 -21.49 10.56 11.55
CA GLU A 251 -21.72 11.86 10.94
C GLU A 251 -21.65 11.78 9.43
N ILE A 252 -20.66 11.08 8.91
CA ILE A 252 -20.41 11.07 7.47
C ILE A 252 -21.49 10.28 6.75
N ASN A 253 -21.80 9.08 7.26
CA ASN A 253 -22.70 8.17 6.57
C ASN A 253 -23.46 7.38 7.64
N LYS A 254 -24.57 7.96 8.10
CA LYS A 254 -25.34 7.32 9.17
C LYS A 254 -25.84 5.95 8.75
N LYS A 255 -26.29 5.82 7.50
CA LYS A 255 -27.00 4.62 7.06
C LYS A 255 -26.08 3.40 6.98
N VAL A 256 -24.82 3.58 6.58
CA VAL A 256 -23.91 2.44 6.56
C VAL A 256 -23.80 1.83 7.95
N LEU A 257 -23.78 2.68 8.98
CA LEU A 257 -23.75 2.15 10.33
C LEU A 257 -24.90 1.18 10.54
N ASP A 258 -26.10 1.57 10.07
CA ASP A 258 -27.33 0.80 10.25
C ASP A 258 -27.34 -0.54 9.52
N LYS A 259 -26.26 -0.89 8.82
CA LYS A 259 -26.13 -2.19 8.19
C LYS A 259 -25.48 -3.23 9.10
N ASN A 260 -25.06 -2.85 10.31
CA ASN A 260 -24.59 -3.82 11.31
C ASN A 260 -23.37 -4.60 10.86
N LEU A 261 -22.47 -3.94 10.13
CA LEU A 261 -21.24 -4.57 9.66
C LEU A 261 -19.99 -4.03 10.33
N ILE A 262 -20.14 -3.03 11.21
CA ILE A 262 -19.01 -2.36 11.86
C ILE A 262 -19.13 -2.59 13.36
N ALA A 263 -18.11 -3.23 13.93
CA ALA A 263 -17.98 -3.42 15.36
C ALA A 263 -16.63 -2.89 15.84
N ILE A 264 -16.58 -2.52 17.13
CA ILE A 264 -15.32 -2.21 17.78
C ILE A 264 -14.73 -3.49 18.36
N GLY A 265 -13.44 -3.67 18.18
CA GLY A 265 -12.73 -4.81 18.70
C GLY A 265 -11.54 -4.35 19.51
N THR A 266 -11.60 -4.55 20.82
CA THR A 266 -10.57 -4.06 21.73
C THR A 266 -10.18 -5.15 22.73
N THR A 267 -9.40 -4.77 23.74
CA THR A 267 -8.92 -5.69 24.76
C THR A 267 -9.81 -5.62 26.01
N GLU A 268 -9.62 -6.60 26.89
CA GLU A 268 -10.31 -6.56 28.18
C GLU A 268 -9.82 -5.40 29.02
N PHE A 269 -8.55 -5.04 28.87
CA PHE A 269 -7.94 -3.98 29.67
C PHE A 269 -8.54 -2.62 29.37
N VAL A 270 -9.04 -2.42 28.16
CA VAL A 270 -9.73 -1.18 27.83
C VAL A 270 -11.18 -1.22 28.30
N LEU A 271 -11.89 -2.31 28.01
CA LEU A 271 -13.31 -2.36 28.32
C LEU A 271 -13.55 -2.35 29.82
N ASN A 272 -12.57 -2.81 30.60
CA ASN A 272 -12.64 -2.84 32.06
C ASN A 272 -11.74 -1.78 32.68
N ASP A 273 -11.63 -0.63 32.05
CA ASP A 273 -10.83 0.47 32.55
C ASP A 273 -11.73 1.36 33.38
N LYS A 274 -11.52 1.37 34.68
CA LYS A 274 -12.30 2.19 35.58
C LYS A 274 -11.90 3.65 35.42
N LYS A 275 -10.70 3.90 34.99
CA LYS A 275 -10.33 5.29 34.67
C LYS A 275 -10.90 5.75 33.32
N GLY A 276 -11.82 4.98 32.74
CA GLY A 276 -12.47 5.36 31.50
C GLY A 276 -13.82 4.66 31.38
N ASP A 277 -14.54 4.99 30.30
CA ASP A 277 -15.88 4.43 30.08
C ASP A 277 -16.12 4.22 28.58
N LEU A 278 -15.46 3.20 28.01
CA LEU A 278 -15.70 2.87 26.60
C LEU A 278 -17.17 2.56 26.36
N LYS A 279 -17.77 1.71 27.20
CA LYS A 279 -19.17 1.34 27.03
C LYS A 279 -20.06 2.57 26.95
N GLY A 280 -19.82 3.54 27.83
CA GLY A 280 -20.68 4.70 27.90
C GLY A 280 -20.58 5.64 26.72
N ILE A 281 -19.40 5.71 26.09
CA ILE A 281 -19.28 6.52 24.88
C ILE A 281 -20.20 5.96 23.80
N VAL A 282 -20.10 4.65 23.58
CA VAL A 282 -20.67 4.01 22.40
C VAL A 282 -22.18 3.97 22.45
N GLU A 283 -22.78 3.85 23.65
CA GLU A 283 -24.24 3.83 23.68
C GLU A 283 -24.82 5.21 23.36
N GLN A 284 -24.06 6.28 23.53
CA GLN A 284 -24.48 7.56 22.96
C GLN A 284 -24.37 7.60 21.44
N ILE A 285 -23.57 6.72 20.85
CA ILE A 285 -23.37 6.75 19.41
C ILE A 285 -24.44 5.90 18.74
N GLY A 286 -24.48 4.61 19.08
CA GLY A 286 -25.56 3.77 18.61
C GLY A 286 -25.47 2.37 19.19
N ASN A 287 -26.26 1.48 18.61
CA ASN A 287 -26.21 0.08 18.96
C ASN A 287 -25.17 -0.57 18.06
N VAL A 288 -23.95 -0.69 18.56
CA VAL A 288 -22.85 -1.21 17.77
C VAL A 288 -22.15 -2.29 18.58
N PRO A 289 -21.88 -3.46 18.00
CA PRO A 289 -21.16 -4.50 18.74
C PRO A 289 -19.86 -3.96 19.33
N VAL A 290 -19.63 -4.26 20.60
CA VAL A 290 -18.37 -3.96 21.27
C VAL A 290 -17.79 -5.28 21.79
N LEU A 291 -16.63 -5.65 21.27
CA LEU A 291 -16.06 -6.97 21.49
C LEU A 291 -14.63 -6.85 22.00
N ALA A 292 -14.34 -7.57 23.08
CA ALA A 292 -13.04 -7.50 23.74
C ALA A 292 -12.50 -8.91 23.93
N SER A 293 -11.19 -9.03 23.82
CA SER A 293 -10.51 -10.31 23.90
C SER A 293 -9.93 -10.50 25.30
N LYS A 294 -10.11 -11.71 25.84
CA LYS A 294 -9.54 -12.08 27.13
C LYS A 294 -8.21 -12.75 26.90
N PHE A 295 -7.18 -12.30 27.62
CA PHE A 295 -5.83 -12.77 27.37
C PHE A 295 -5.26 -13.63 28.49
N TYR A 296 -5.87 -13.63 29.67
CA TYR A 296 -5.41 -14.44 30.78
C TYR A 296 -3.93 -14.16 31.07
N PHE A 297 -3.61 -12.87 31.24
CA PHE A 297 -2.24 -12.40 31.31
C PHE A 297 -1.66 -12.41 32.73
N GLU A 298 -2.42 -12.81 33.74
CA GLU A 298 -1.85 -12.98 35.08
C GLU A 298 -1.08 -14.29 35.18
N LYS A 299 -1.53 -15.32 34.47
CA LYS A 299 -0.69 -16.50 34.27
C LYS A 299 0.60 -16.18 33.53
N ALA A 300 0.79 -14.94 33.12
CA ALA A 300 1.96 -14.57 32.36
C ALA A 300 3.25 -14.92 33.06
N LYS A 301 4.32 -15.01 32.29
CA LYS A 301 5.63 -15.39 32.78
C LYS A 301 6.69 -14.32 32.67
N ILE A 302 6.25 -13.12 32.31
CA ILE A 302 7.15 -11.99 32.27
C ILE A 302 6.30 -10.92 32.89
N GLU A 303 6.85 -10.20 33.84
CA GLU A 303 6.03 -9.20 34.50
C GLU A 303 5.54 -8.07 33.56
N GLY A 304 6.33 -7.71 32.55
CA GLY A 304 5.92 -6.72 31.57
C GLY A 304 4.55 -7.01 30.97
N LEU A 305 4.34 -8.26 30.56
CA LEU A 305 3.08 -8.69 30.04
C LEU A 305 2.06 -8.59 31.15
N LYS A 306 2.44 -9.09 32.32
CA LYS A 306 1.61 -9.11 33.53
C LYS A 306 1.15 -7.71 33.95
N ASN A 307 2.02 -6.74 33.78
CA ASN A 307 1.76 -5.35 34.02
C ASN A 307 0.48 -4.88 33.32
N TYR A 308 0.04 -5.55 32.24
CA TYR A 308 -1.20 -5.17 31.57
C TYR A 308 -2.39 -5.22 32.52
N CYS A 309 -2.45 -6.26 33.36
CA CYS A 309 -3.56 -6.39 34.29
C CYS A 309 -3.68 -5.19 35.22
N LYS A 310 -2.63 -4.37 35.32
CA LYS A 310 -2.65 -3.19 36.16
C LYS A 310 -2.77 -1.88 35.38
N GLY A 311 -3.03 -1.93 34.07
CA GLY A 311 -3.36 -0.75 33.29
C GLY A 311 -2.28 -0.18 32.40
N SER A 312 -1.09 -0.80 32.35
CA SER A 312 -0.02 -0.34 31.45
C SER A 312 -0.29 -0.80 30.02
N VAL A 313 -0.18 0.13 29.07
CA VAL A 313 -0.35 -0.13 27.64
C VAL A 313 -1.81 -0.36 27.29
N LYS A 314 -2.39 -1.47 27.78
CA LYS A 314 -3.83 -1.73 27.65
C LYS A 314 -4.24 -2.22 26.27
N GLU A 315 -3.83 -1.48 25.23
CA GLU A 315 -4.35 -1.66 23.88
C GLU A 315 -3.38 -1.01 22.90
N GLY A 316 -3.63 -1.24 21.61
CA GLY A 316 -2.95 -0.52 20.56
C GLY A 316 -2.47 -1.44 19.45
N VAL A 317 -2.42 -0.90 18.23
CA VAL A 317 -1.90 -1.60 17.06
C VAL A 317 -2.84 -2.75 16.70
N GLY A 318 -4.14 -2.47 16.74
CA GLY A 318 -5.17 -3.46 16.46
C GLY A 318 -5.11 -4.69 17.33
N ALA A 319 -4.31 -4.65 18.40
CA ALA A 319 -4.05 -5.85 19.19
C ALA A 319 -5.35 -6.49 19.69
N GLY A 320 -6.19 -5.70 20.35
CA GLY A 320 -7.44 -6.23 20.85
C GLY A 320 -8.34 -6.74 19.73
N GLY A 321 -8.48 -5.95 18.67
CA GLY A 321 -9.34 -6.36 17.56
C GLY A 321 -8.77 -7.55 16.80
N ILE A 322 -7.46 -7.60 16.60
CA ILE A 322 -6.90 -8.72 15.87
C ILE A 322 -7.05 -9.99 16.70
N ALA A 323 -6.96 -9.89 18.02
CA ALA A 323 -7.16 -11.07 18.86
C ALA A 323 -8.60 -11.57 18.80
N VAL A 324 -9.57 -10.65 18.81
CA VAL A 324 -10.97 -11.05 18.68
C VAL A 324 -11.17 -11.91 17.43
N TYR A 325 -10.61 -11.47 16.28
CA TYR A 325 -10.72 -12.30 15.09
C TYR A 325 -10.03 -13.65 15.29
N SER A 326 -8.81 -13.63 15.83
CA SER A 326 -8.03 -14.85 15.99
C SER A 326 -8.65 -15.82 17.00
N ILE A 327 -9.47 -15.32 17.92
CA ILE A 327 -10.16 -16.19 18.88
C ILE A 327 -11.47 -16.69 18.32
N VAL A 328 -12.23 -15.82 17.64
CA VAL A 328 -13.46 -16.24 17.01
C VAL A 328 -13.20 -17.31 15.97
N ASN A 329 -11.98 -17.38 15.45
CA ASN A 329 -11.61 -18.36 14.45
C ASN A 329 -10.68 -19.42 15.06
N ASP A 330 -10.97 -19.78 16.31
CA ASP A 330 -10.54 -21.02 16.96
C ASP A 330 -9.09 -21.03 17.42
N LEU A 331 -8.44 -19.87 17.53
CA LEU A 331 -7.12 -19.84 18.14
C LEU A 331 -7.25 -19.87 19.66
N GLU A 332 -6.39 -20.63 20.31
CA GLU A 332 -6.45 -20.76 21.75
C GLU A 332 -5.84 -19.52 22.39
N PRO A 333 -6.57 -18.80 23.25
CA PRO A 333 -6.07 -17.52 23.78
C PRO A 333 -4.65 -17.57 24.33
N THR A 334 -4.28 -18.64 25.02
CA THR A 334 -2.98 -18.66 25.67
C THR A 334 -1.84 -18.65 24.65
N LYS A 335 -2.08 -19.18 23.45
CA LYS A 335 -1.04 -19.19 22.42
C LYS A 335 -0.47 -17.79 22.18
N ILE A 336 -1.31 -16.76 22.36
CA ILE A 336 -0.83 -15.38 22.29
C ILE A 336 0.23 -15.13 23.35
N ARG A 337 -0.08 -15.48 24.61
CA ARG A 337 0.84 -15.17 25.70
C ARG A 337 2.09 -16.04 25.62
N GLU A 338 1.93 -17.32 25.26
CA GLU A 338 3.10 -18.17 25.10
C GLU A 338 3.90 -17.82 23.85
N PHE A 339 3.29 -17.17 22.87
CA PHE A 339 4.08 -16.66 21.75
C PHE A 339 4.98 -15.53 22.21
N ILE A 340 4.43 -14.55 22.93
CA ILE A 340 5.19 -13.35 23.27
C ILE A 340 6.31 -13.66 24.26
N GLU A 341 6.20 -14.75 25.01
CA GLU A 341 7.26 -15.11 25.93
C GLU A 341 8.38 -15.86 25.22
N ASN A 342 8.05 -16.59 24.16
CA ASN A 342 9.08 -17.32 23.43
C ASN A 342 10.06 -16.37 22.75
N LYS A 343 9.59 -15.22 22.26
CA LYS A 343 10.43 -14.29 21.50
C LYS A 343 10.79 -13.04 22.28
N PHE A 344 10.35 -12.91 23.53
CA PHE A 344 10.61 -11.71 24.30
C PHE A 344 12.10 -11.36 24.34
N TYR A 345 12.96 -12.38 24.36
CA TYR A 345 14.40 -12.11 24.44
C TYR A 345 15.01 -11.79 23.08
N GLU A 346 14.45 -12.32 21.99
CA GLU A 346 14.86 -11.89 20.66
C GLU A 346 14.68 -10.38 20.51
N TRP A 347 13.44 -9.91 20.67
CA TRP A 347 13.16 -8.48 20.63
C TRP A 347 13.95 -7.74 21.71
N TYR A 348 13.88 -8.24 22.94
CA TYR A 348 14.53 -7.57 24.07
C TYR A 348 15.73 -8.35 24.62
N MET B 1 -9.39 -13.32 -33.00
CA MET B 1 -9.28 -12.62 -31.73
C MET B 1 -8.34 -11.40 -31.85
N SER B 2 -8.36 -10.54 -30.83
CA SER B 2 -7.53 -9.34 -30.79
C SER B 2 -6.32 -9.52 -29.87
N ILE B 3 -5.86 -10.77 -29.71
CA ILE B 3 -4.79 -11.11 -28.77
C ILE B 3 -3.79 -12.04 -29.46
N ILE B 4 -2.63 -11.47 -29.81
CA ILE B 4 -1.50 -12.23 -30.32
C ILE B 4 -0.87 -13.01 -29.16
N ALA B 5 -0.89 -14.34 -29.25
CA ALA B 5 -0.37 -15.20 -28.19
C ALA B 5 0.79 -16.03 -28.74
N ILE B 6 1.98 -15.78 -28.25
CA ILE B 6 3.15 -16.56 -28.62
C ILE B 6 3.45 -17.43 -27.44
N ASN B 7 3.61 -18.73 -27.67
CA ASN B 7 3.87 -19.73 -26.65
C ASN B 7 2.80 -19.67 -25.58
N GLU B 8 1.55 -19.61 -25.99
CA GLU B 8 0.44 -19.49 -25.10
C GLU B 8 0.42 -20.48 -23.96
N ASN B 9 0.69 -21.74 -24.24
CA ASN B 9 0.74 -22.79 -23.23
C ASN B 9 -0.40 -22.88 -22.22
N GLY B 10 -1.64 -22.60 -22.63
CA GLY B 10 -2.79 -22.67 -21.76
C GLY B 10 -3.08 -21.48 -20.86
N PHE B 11 -2.14 -20.58 -20.78
CA PHE B 11 -2.19 -19.44 -19.93
C PHE B 11 -3.43 -18.59 -20.03
N LEU B 12 -3.85 -18.25 -21.22
CA LEU B 12 -5.03 -17.39 -21.32
C LEU B 12 -6.24 -18.03 -20.67
N ASP B 13 -6.28 -19.37 -20.60
CA ASP B 13 -7.38 -20.03 -19.90
C ASP B 13 -7.22 -19.93 -18.38
N LYS B 14 -5.99 -19.78 -17.95
CA LYS B 14 -5.65 -19.65 -16.57
C LYS B 14 -6.23 -18.36 -15.98
N ILE B 15 -6.28 -17.32 -16.80
CA ILE B 15 -6.77 -16.05 -16.32
C ILE B 15 -8.15 -15.71 -16.76
N LYS B 16 -8.94 -16.68 -17.11
CA LYS B 16 -10.28 -16.35 -17.53
C LYS B 16 -11.25 -16.49 -16.38
N GLY B 17 -11.71 -15.37 -15.86
CA GLY B 17 -12.66 -15.40 -14.78
C GLY B 17 -12.00 -15.25 -13.44
N ARG B 18 -10.70 -15.02 -13.44
CA ARG B 18 -9.99 -14.86 -12.20
C ARG B 18 -9.91 -13.39 -11.76
N ASN B 19 -9.98 -13.18 -10.45
CA ASN B 19 -9.97 -11.86 -9.87
C ASN B 19 -8.58 -11.29 -9.80
N PRO B 20 -8.38 -10.14 -10.45
CA PRO B 20 -7.06 -9.50 -10.47
C PRO B 20 -6.84 -8.39 -9.46
N LEU B 21 -5.60 -8.29 -9.01
CA LEU B 21 -5.03 -7.05 -8.49
C LEU B 21 -4.06 -6.50 -9.53
N PHE B 22 -4.25 -5.25 -9.93
CA PHE B 22 -3.26 -4.55 -10.75
C PHE B 22 -2.42 -3.63 -9.86
N THR B 23 -1.11 -3.65 -10.09
CA THR B 23 -0.15 -2.76 -9.43
C THR B 23 0.90 -2.30 -10.44
N CYS B 24 1.17 -1.00 -10.44
CA CYS B 24 2.23 -0.39 -11.24
C CYS B 24 3.37 0.05 -10.31
N VAL B 25 4.60 -0.33 -10.66
CA VAL B 25 5.79 0.03 -9.90
C VAL B 25 6.53 1.13 -10.65
N ILE B 26 6.78 2.25 -9.97
CA ILE B 26 7.39 3.42 -10.59
C ILE B 26 8.80 3.67 -10.04
N SER B 27 9.62 4.33 -10.85
CA SER B 27 11.00 4.64 -10.49
C SER B 27 11.53 5.74 -11.40
N SER B 28 12.53 6.45 -10.90
CA SER B 28 13.19 7.51 -11.65
C SER B 28 14.68 7.20 -11.73
N ILE B 29 15.33 7.64 -12.82
CA ILE B 29 16.73 7.30 -13.09
C ILE B 29 17.54 8.59 -13.21
N GLU B 30 18.59 8.70 -12.39
CA GLU B 30 19.42 9.91 -12.38
C GLU B 30 19.90 10.30 -13.77
N THR B 31 20.32 9.30 -14.56
CA THR B 31 20.90 9.59 -15.87
C THR B 31 19.96 10.41 -16.73
N THR B 32 18.64 10.16 -16.64
CA THR B 32 17.67 10.82 -17.52
C THR B 32 17.67 12.34 -17.36
N LEU B 33 18.14 12.85 -16.22
CA LEU B 33 18.18 14.30 -15.99
C LEU B 33 19.17 15.02 -16.93
N SER B 34 20.21 14.34 -17.41
CA SER B 34 21.19 15.02 -18.24
C SER B 34 21.53 14.31 -19.54
N ILE B 35 21.08 13.08 -19.75
CA ILE B 35 21.44 12.28 -20.93
C ILE B 35 20.15 11.80 -21.55
N PRO B 36 19.87 12.14 -22.82
CA PRO B 36 18.56 11.83 -23.42
C PRO B 36 18.33 10.36 -23.79
N ILE B 37 18.54 9.43 -22.85
CA ILE B 37 18.31 8.03 -23.16
C ILE B 37 16.83 7.71 -23.33
N SER B 38 15.94 8.54 -22.77
CA SER B 38 14.53 8.24 -22.64
C SER B 38 13.70 9.01 -23.67
N GLY B 39 12.65 8.35 -24.18
CA GLY B 39 11.66 9.01 -25.02
C GLY B 39 10.63 9.85 -24.28
N VAL B 40 10.76 10.03 -22.97
CA VAL B 40 9.90 10.94 -22.22
C VAL B 40 10.49 12.34 -22.30
N HIS B 41 9.68 13.29 -22.75
CA HIS B 41 10.11 14.68 -22.85
C HIS B 41 10.70 15.17 -21.53
N ARG B 42 11.80 15.92 -21.60
CA ARG B 42 12.55 16.30 -20.41
C ARG B 42 11.81 17.30 -19.52
N ASP B 43 10.83 18.01 -20.06
CA ASP B 43 10.12 19.01 -19.25
C ASP B 43 9.18 18.38 -18.23
N VAL B 44 8.85 17.10 -18.40
CA VAL B 44 7.83 16.42 -17.60
C VAL B 44 8.34 15.12 -17.00
N ILE B 45 9.61 14.77 -17.22
CA ILE B 45 10.06 13.42 -16.89
C ILE B 45 10.20 13.23 -15.38
N LYS B 46 10.47 14.29 -14.63
CA LYS B 46 10.50 14.14 -13.18
C LYS B 46 9.10 13.81 -12.63
N TYR B 47 8.06 14.23 -13.34
CA TYR B 47 6.67 14.17 -12.91
C TYR B 47 5.90 13.05 -13.56
N THR B 48 6.47 12.42 -14.59
CA THR B 48 5.69 11.53 -15.44
C THR B 48 5.21 10.29 -14.72
N PRO B 49 6.07 9.55 -13.99
CA PRO B 49 5.58 8.29 -13.39
C PRO B 49 4.47 8.51 -12.37
N SER B 50 4.57 9.55 -11.54
CA SER B 50 3.53 9.79 -10.53
C SER B 50 2.22 10.20 -11.19
N ALA B 51 2.31 11.13 -12.15
CA ALA B 51 1.13 11.52 -12.88
C ALA B 51 0.50 10.32 -13.59
N ASP B 52 1.32 9.34 -14.01
CA ASP B 52 0.77 8.14 -14.62
C ASP B 52 -0.14 7.41 -13.66
N VAL B 53 0.39 7.04 -12.49
CA VAL B 53 -0.34 6.19 -11.58
C VAL B 53 -1.47 6.94 -10.90
N GLU B 54 -1.35 8.26 -10.73
CA GLU B 54 -2.49 9.05 -10.29
C GLU B 54 -3.63 8.96 -11.27
N LEU B 55 -3.32 9.05 -12.57
CA LEU B 55 -4.38 8.93 -13.58
C LEU B 55 -5.08 7.58 -13.50
N VAL B 56 -4.33 6.51 -13.26
CA VAL B 56 -4.96 5.19 -13.13
C VAL B 56 -5.85 5.12 -11.88
N PHE B 57 -5.29 5.45 -10.71
CA PHE B 57 -5.95 5.25 -9.41
C PHE B 57 -7.14 6.19 -9.23
N TYR B 58 -7.00 7.43 -9.68
CA TYR B 58 -7.88 8.53 -9.32
C TYR B 58 -8.60 9.16 -10.49
N GLY B 59 -8.19 8.87 -11.72
CA GLY B 59 -8.84 9.42 -12.88
C GLY B 59 -8.38 10.80 -13.30
N LYS B 60 -7.31 11.30 -12.71
CA LYS B 60 -6.85 12.64 -13.02
C LYS B 60 -5.43 12.73 -12.49
N SER B 61 -4.54 13.31 -13.29
CA SER B 61 -3.22 13.61 -12.80
C SER B 61 -3.28 14.85 -11.94
N LEU B 62 -2.45 14.86 -10.89
CA LEU B 62 -2.41 15.90 -9.87
C LEU B 62 -1.02 16.51 -9.81
N THR B 63 -0.02 15.66 -10.01
CA THR B 63 1.36 16.11 -10.06
C THR B 63 1.67 16.90 -11.35
N LEU B 64 0.78 16.82 -12.36
CA LEU B 64 0.86 17.63 -13.57
C LEU B 64 -0.51 18.23 -13.87
N LYS B 65 -0.50 19.26 -14.72
CA LYS B 65 -1.76 19.87 -15.15
C LYS B 65 -2.60 18.87 -15.94
N THR B 66 -1.96 18.16 -16.89
CA THR B 66 -2.57 17.06 -17.64
C THR B 66 -1.71 15.81 -17.47
N PRO B 67 -2.18 14.64 -17.88
CA PRO B 67 -1.30 13.46 -17.93
C PRO B 67 -0.16 13.68 -18.90
N PRO B 68 0.87 12.83 -18.89
CA PRO B 68 2.04 12.97 -19.78
C PRO B 68 1.76 12.69 -21.28
N SER B 74 0.38 12.74 -28.52
CA SER B 74 0.48 11.32 -28.14
C SER B 74 0.40 11.13 -26.61
N PRO B 75 -0.74 10.65 -26.13
CA PRO B 75 -0.98 10.58 -24.68
C PRO B 75 -0.28 9.41 -24.00
N THR B 76 -0.17 9.52 -22.68
CA THR B 76 0.44 8.48 -21.87
C THR B 76 -0.32 7.17 -22.03
N PRO B 77 0.40 6.04 -22.03
CA PRO B 77 -0.29 4.74 -22.03
C PRO B 77 -1.16 4.53 -20.81
N ALA B 78 -0.87 5.23 -19.70
CA ALA B 78 -1.78 5.19 -18.56
C ALA B 78 -3.21 5.47 -18.97
N THR B 79 -3.42 6.16 -20.10
CA THR B 79 -4.77 6.31 -20.66
C THR B 79 -5.43 4.94 -20.87
N ILE B 80 -4.68 3.98 -21.41
CA ILE B 80 -5.24 2.65 -21.64
C ILE B 80 -5.43 1.92 -20.32
N THR B 81 -4.47 2.07 -19.40
CA THR B 81 -4.57 1.40 -18.10
C THR B 81 -5.81 1.89 -17.34
N ARG B 82 -6.04 3.21 -17.32
CA ARG B 82 -7.23 3.75 -16.69
C ARG B 82 -8.49 3.26 -17.40
N ALA B 83 -8.44 3.19 -18.73
CA ALA B 83 -9.59 2.69 -19.48
C ALA B 83 -10.03 1.33 -18.93
N CYS B 84 -9.08 0.41 -18.75
CA CYS B 84 -9.40 -0.93 -18.32
C CYS B 84 -9.78 -0.98 -16.85
N VAL B 85 -9.11 -0.18 -16.00
CA VAL B 85 -9.47 -0.11 -14.60
C VAL B 85 -10.96 0.20 -14.45
N GLU B 86 -11.42 1.26 -15.12
CA GLU B 86 -12.82 1.64 -15.08
C GLU B 86 -13.73 0.62 -15.80
N LEU B 87 -13.39 0.29 -17.04
CA LEU B 87 -14.29 -0.50 -17.89
C LEU B 87 -14.51 -1.91 -17.34
N LYS B 88 -13.55 -2.45 -16.59
CA LYS B 88 -13.70 -3.77 -15.98
C LYS B 88 -13.57 -3.74 -14.45
N ASN B 89 -13.60 -2.56 -13.83
CA ASN B 89 -13.59 -2.39 -12.38
C ASN B 89 -12.46 -3.20 -11.73
N ILE B 90 -11.23 -2.82 -12.04
CA ILE B 90 -10.06 -3.56 -11.59
C ILE B 90 -9.41 -2.81 -10.45
N LYS B 91 -9.40 -3.42 -9.28
CA LYS B 91 -8.68 -2.85 -8.15
C LYS B 91 -7.21 -2.65 -8.53
N ASN B 92 -6.64 -1.55 -8.06
CA ASN B 92 -5.26 -1.23 -8.39
C ASN B 92 -4.61 -0.47 -7.23
N LEU B 93 -3.40 -0.92 -6.85
CA LEU B 93 -2.55 -0.22 -5.91
C LEU B 93 -1.15 -0.07 -6.51
N HIS B 94 -0.49 1.05 -6.18
CA HIS B 94 0.73 1.43 -6.86
C HIS B 94 1.87 1.61 -5.87
N ILE B 95 3.08 1.36 -6.36
CA ILE B 95 4.29 1.18 -5.56
C ILE B 95 5.37 2.13 -6.06
N ASP B 96 6.03 2.83 -5.14
CA ASP B 96 7.14 3.71 -5.48
C ASP B 96 8.45 3.05 -5.13
N ALA B 97 9.36 3.04 -6.08
CA ALA B 97 10.74 2.60 -5.85
C ALA B 97 11.70 3.62 -6.43
N GLY B 98 11.37 4.91 -6.26
CA GLY B 98 12.34 5.98 -6.46
C GLY B 98 11.98 7.03 -7.48
N ALA B 99 10.69 7.32 -7.66
CA ALA B 99 10.32 8.39 -8.57
C ALA B 99 10.76 9.73 -8.01
N PHE B 100 11.22 10.64 -8.90
CA PHE B 100 11.72 11.94 -8.46
C PHE B 100 10.64 12.72 -7.70
N VAL B 101 9.41 12.65 -8.16
CA VAL B 101 8.28 13.33 -7.53
C VAL B 101 7.27 12.26 -7.12
N LYS B 102 6.73 12.38 -5.85
CA LYS B 102 5.94 11.25 -5.35
C LYS B 102 4.47 11.41 -5.73
N PRO B 103 3.73 10.30 -5.74
CA PRO B 103 2.32 10.38 -6.11
C PRO B 103 1.53 11.07 -5.01
N LYS B 104 0.64 11.95 -5.44
CA LYS B 104 -0.28 12.56 -4.49
C LYS B 104 -1.49 11.68 -4.22
N ILE B 105 -1.64 10.55 -4.92
CA ILE B 105 -2.60 9.56 -4.46
C ILE B 105 -1.93 8.76 -3.35
N PRO B 106 -2.68 7.98 -2.59
CA PRO B 106 -2.05 7.00 -1.69
C PRO B 106 -1.21 6.02 -2.49
N PHE B 107 -0.07 5.65 -1.94
CA PHE B 107 0.82 4.71 -2.62
C PHE B 107 1.70 4.01 -1.59
N ILE B 108 2.29 2.91 -2.02
CA ILE B 108 3.18 2.12 -1.17
C ILE B 108 4.59 2.63 -1.39
N GLU B 109 5.28 2.98 -0.31
CA GLU B 109 6.64 3.47 -0.42
C GLU B 109 7.60 2.31 -0.11
N ILE B 110 8.25 1.79 -1.16
CA ILE B 110 9.30 0.80 -0.96
C ILE B 110 10.68 1.45 -0.88
N ASP B 111 10.94 2.49 -1.64
CA ASP B 111 12.26 3.14 -1.62
C ASP B 111 12.10 4.55 -2.16
N GLU B 112 12.47 5.53 -1.33
CA GLU B 112 12.31 6.95 -1.65
C GLU B 112 13.38 7.44 -2.61
N LYS B 113 14.54 6.80 -2.61
CA LYS B 113 15.70 7.32 -3.33
C LYS B 113 15.67 6.83 -4.78
N PRO B 114 15.86 7.72 -5.75
CA PRO B 114 15.80 7.31 -7.15
C PRO B 114 16.94 6.38 -7.53
N THR B 115 16.72 5.67 -8.64
CA THR B 115 17.79 4.93 -9.30
C THR B 115 18.91 5.90 -9.69
N GLY B 116 20.13 5.53 -9.38
CA GLY B 116 21.27 6.39 -9.62
C GLY B 116 21.70 6.45 -11.09
N ARG B 117 22.95 6.89 -11.28
CA ARG B 117 23.50 7.16 -12.62
C ARG B 117 24.00 5.85 -13.23
N ILE B 118 23.25 5.37 -14.22
CA ILE B 118 23.56 4.09 -14.88
C ILE B 118 24.97 4.08 -15.44
N GLU B 119 25.40 5.20 -16.05
CA GLU B 119 26.68 5.29 -16.72
C GLU B 119 27.87 5.17 -15.77
N GLU B 120 27.63 5.16 -14.46
CA GLU B 120 28.69 5.07 -13.47
C GLU B 120 28.70 3.74 -12.74
N GLY B 121 27.87 2.79 -13.16
CA GLY B 121 27.77 1.53 -12.47
C GLY B 121 27.15 1.64 -11.08
N LYS B 122 26.52 2.80 -10.81
CA LYS B 122 25.97 3.12 -9.50
C LYS B 122 24.44 3.27 -9.54
N ALA B 123 23.76 2.27 -10.10
CA ALA B 123 22.31 2.31 -10.18
C ALA B 123 21.67 2.26 -8.79
N MET B 124 22.33 1.63 -7.83
CA MET B 124 21.62 1.16 -6.66
C MET B 124 22.56 0.25 -5.89
N ASN B 125 22.52 0.32 -4.57
CA ASN B 125 23.40 -0.49 -3.75
C ASN B 125 22.65 -1.52 -2.95
N ASN B 126 21.40 -1.79 -3.32
CA ASN B 126 20.46 -2.48 -2.42
C ASN B 126 19.42 -3.25 -3.22
N SER B 127 19.85 -3.87 -4.32
CA SER B 127 18.91 -4.62 -5.14
C SER B 127 18.40 -5.87 -4.43
N LYS B 128 19.20 -6.48 -3.55
CA LYS B 128 18.70 -7.67 -2.86
C LYS B 128 17.68 -7.28 -1.78
N GLU B 129 17.98 -6.22 -1.01
CA GLU B 129 16.99 -5.69 -0.07
C GLU B 129 15.70 -5.32 -0.79
N LEU B 130 15.82 -4.68 -1.95
CA LEU B 130 14.63 -4.34 -2.74
C LEU B 130 13.87 -5.59 -3.16
N TYR B 131 14.59 -6.66 -3.50
CA TYR B 131 13.92 -7.90 -3.87
C TYR B 131 13.11 -8.45 -2.70
N MET B 132 13.70 -8.47 -1.52
CA MET B 132 13.03 -9.06 -0.35
C MET B 132 11.79 -8.25 0.03
N LYS B 133 11.87 -6.93 -0.07
CA LYS B 133 10.70 -6.09 0.20
C LYS B 133 9.57 -6.39 -0.78
N GLY B 134 9.91 -6.66 -2.04
CA GLY B 134 8.89 -7.03 -3.01
C GLY B 134 8.21 -8.35 -2.69
N TYR B 135 8.99 -9.35 -2.26
CA TYR B 135 8.44 -10.65 -1.91
C TYR B 135 7.59 -10.56 -0.65
N LEU B 136 8.12 -9.90 0.39
CA LEU B 136 7.36 -9.71 1.63
C LEU B 136 6.09 -8.90 1.38
N LEU B 137 6.22 -7.76 0.70
CA LEU B 137 5.03 -7.05 0.27
C LEU B 137 4.10 -7.97 -0.50
N GLY B 138 4.65 -8.78 -1.41
CA GLY B 138 3.82 -9.69 -2.17
C GLY B 138 3.08 -10.69 -1.30
N LYS B 139 3.77 -11.26 -0.31
CA LYS B 139 3.13 -12.22 0.59
C LYS B 139 1.88 -11.66 1.27
N ASN B 140 1.76 -10.34 1.38
CA ASN B 140 0.64 -9.72 2.07
C ASN B 140 -0.40 -9.14 1.12
N LEU B 141 -0.23 -9.35 -0.19
CA LEU B 141 -1.27 -9.10 -1.16
C LEU B 141 -1.97 -10.39 -1.52
N ASP B 142 -3.23 -10.28 -1.89
CA ASP B 142 -3.99 -11.45 -2.29
C ASP B 142 -4.92 -11.10 -3.44
N ALA B 143 -5.03 -12.05 -4.35
CA ALA B 143 -5.89 -12.02 -5.54
C ALA B 143 -5.67 -13.36 -6.25
N GLU B 144 -6.51 -13.64 -7.24
CA GLU B 144 -6.31 -14.83 -8.06
C GLU B 144 -5.24 -14.64 -9.12
N LEU B 145 -4.87 -13.39 -9.42
CA LEU B 145 -3.99 -13.07 -10.51
C LEU B 145 -3.36 -11.72 -10.20
N LEU B 146 -2.05 -11.60 -10.47
CA LEU B 146 -1.33 -10.35 -10.33
C LEU B 146 -0.97 -9.81 -11.70
N ILE B 147 -1.49 -8.65 -12.04
CA ILE B 147 -1.05 -7.88 -13.19
C ILE B 147 -0.17 -6.76 -12.66
N VAL B 148 1.14 -6.83 -12.92
CA VAL B 148 2.12 -5.88 -12.38
C VAL B 148 2.82 -5.15 -13.55
N GLY B 149 2.67 -3.83 -13.60
CA GLY B 149 3.28 -3.01 -14.61
C GLY B 149 4.42 -2.16 -14.09
N GLU B 150 4.79 -1.17 -14.88
CA GLU B 150 5.88 -0.27 -14.51
C GLU B 150 5.62 1.12 -15.09
N SER B 151 6.24 2.10 -14.47
CA SER B 151 6.42 3.39 -15.15
C SER B 151 7.80 3.89 -14.75
N VAL B 152 8.77 3.66 -15.62
CA VAL B 152 10.17 4.00 -15.40
C VAL B 152 10.70 4.70 -16.64
N PRO B 153 10.71 6.03 -16.70
CA PRO B 153 11.32 6.69 -17.85
C PRO B 153 12.80 6.36 -17.88
N GLY B 154 13.29 5.94 -19.07
CA GLY B 154 14.61 5.38 -19.22
C GLY B 154 14.71 3.88 -19.00
N GLY B 155 13.57 3.21 -18.72
CA GLY B 155 13.62 1.80 -18.35
C GLY B 155 14.10 0.88 -19.44
N THR B 156 13.93 1.27 -20.71
CA THR B 156 14.47 0.43 -21.78
C THR B 156 15.99 0.44 -21.81
N THR B 157 16.63 1.45 -21.21
CA THR B 157 18.09 1.49 -21.12
C THR B 157 18.60 0.61 -19.97
N THR B 158 17.96 0.67 -18.80
CA THR B 158 18.38 -0.22 -17.73
C THR B 158 18.04 -1.67 -18.08
N ALA B 159 16.96 -1.89 -18.83
CA ALA B 159 16.66 -3.23 -19.32
C ALA B 159 17.80 -3.76 -20.19
N LEU B 160 18.39 -2.91 -21.01
CA LEU B 160 19.51 -3.31 -21.87
C LEU B 160 20.71 -3.77 -21.05
N GLY B 161 21.13 -2.94 -20.07
CA GLY B 161 22.25 -3.32 -19.24
C GLY B 161 22.04 -4.63 -18.50
N VAL B 162 20.86 -4.80 -17.89
CA VAL B 162 20.59 -6.02 -17.13
C VAL B 162 20.69 -7.24 -18.04
N LEU B 163 20.01 -7.19 -19.18
CA LEU B 163 20.09 -8.29 -20.14
C LEU B 163 21.55 -8.54 -20.56
N LEU B 164 22.23 -7.48 -21.01
CA LEU B 164 23.63 -7.63 -21.38
C LEU B 164 24.45 -8.12 -20.21
N GLY B 165 24.31 -7.46 -19.04
CA GLY B 165 25.10 -7.83 -17.89
C GLY B 165 24.94 -9.29 -17.49
N LEU B 166 23.77 -9.87 -17.77
CA LEU B 166 23.52 -11.28 -17.54
C LEU B 166 23.92 -12.14 -18.74
N GLY B 167 24.68 -11.59 -19.68
CA GLY B 167 25.23 -12.39 -20.77
C GLY B 167 24.29 -12.65 -21.93
N TYR B 168 23.17 -11.94 -22.02
CA TYR B 168 22.25 -12.09 -23.12
C TYR B 168 22.68 -11.24 -24.32
N ASP B 169 22.18 -11.60 -25.49
CA ASP B 169 22.38 -10.81 -26.70
C ASP B 169 21.15 -9.93 -26.88
N ALA B 170 21.32 -8.62 -26.65
CA ALA B 170 20.19 -7.70 -26.64
C ALA B 170 20.44 -6.39 -27.35
N GLU B 171 21.67 -6.08 -27.79
CA GLU B 171 21.88 -4.85 -28.55
C GLU B 171 20.88 -4.76 -29.68
N GLY B 172 20.43 -3.54 -29.96
CA GLY B 172 19.41 -3.28 -30.95
C GLY B 172 18.05 -3.88 -30.64
N LYS B 173 17.95 -4.72 -29.61
CA LYS B 173 16.70 -5.43 -29.37
C LYS B 173 15.74 -4.69 -28.45
N VAL B 174 16.21 -3.72 -27.68
CA VAL B 174 15.41 -3.02 -26.69
C VAL B 174 14.44 -2.05 -27.37
N SER B 175 13.30 -1.80 -26.72
CA SER B 175 12.27 -0.94 -27.34
C SER B 175 12.52 0.51 -26.95
N SER B 176 11.47 1.33 -26.89
CA SER B 176 11.65 2.72 -26.52
C SER B 176 10.30 3.43 -26.42
N GLY B 177 10.22 4.43 -25.54
CA GLY B 177 8.97 5.13 -25.35
C GLY B 177 8.68 6.18 -26.41
N SER B 178 9.24 6.05 -27.59
CA SER B 178 9.02 7.02 -28.65
C SER B 178 9.39 6.38 -29.98
N ILE B 179 9.25 7.16 -31.05
CA ILE B 179 9.66 6.68 -32.38
C ILE B 179 11.17 6.48 -32.44
N ASN B 180 11.95 7.50 -32.10
CA ASN B 180 13.40 7.39 -32.12
C ASN B 180 13.90 6.45 -31.04
N ASN B 181 14.92 5.64 -31.37
CA ASN B 181 15.48 4.67 -30.42
C ASN B 181 17.00 4.80 -30.42
N PRO B 182 17.57 5.58 -29.50
CA PRO B 182 19.04 5.85 -29.49
C PRO B 182 19.87 4.66 -28.99
N HIS B 183 19.87 3.58 -29.77
CA HIS B 183 20.54 2.36 -29.35
C HIS B 183 22.02 2.58 -29.05
N GLU B 184 22.68 3.46 -29.82
CA GLU B 184 24.11 3.67 -29.59
C GLU B 184 24.37 4.39 -28.27
N LEU B 185 23.68 5.49 -28.03
CA LEU B 185 23.76 6.11 -26.70
C LEU B 185 23.43 5.09 -25.60
N LYS B 186 22.39 4.27 -25.80
CA LYS B 186 22.00 3.34 -24.75
C LYS B 186 23.09 2.30 -24.49
N ILE B 187 23.67 1.75 -25.56
CA ILE B 187 24.78 0.81 -25.41
C ILE B 187 25.96 1.49 -24.72
N LYS B 188 26.31 2.69 -25.19
CA LYS B 188 27.41 3.42 -24.56
C LYS B 188 27.17 3.63 -23.07
N VAL B 189 25.96 4.05 -22.69
CA VAL B 189 25.65 4.31 -21.29
C VAL B 189 25.86 3.05 -20.45
N VAL B 190 25.22 1.95 -20.82
CA VAL B 190 25.21 0.80 -19.93
C VAL B 190 26.59 0.13 -19.88
N ARG B 191 27.24 0.01 -21.05
CA ARG B 191 28.60 -0.51 -21.13
C ARG B 191 29.54 0.24 -20.19
N GLU B 192 29.47 1.57 -20.17
CA GLU B 192 30.34 2.32 -19.25
C GLU B 192 30.16 1.86 -17.81
N GLY B 193 28.90 1.70 -17.38
CA GLY B 193 28.63 1.32 -16.00
C GLY B 193 28.82 -0.16 -15.73
N LEU B 194 28.51 -1.01 -16.71
CA LEU B 194 28.89 -2.41 -16.60
C LEU B 194 30.39 -2.57 -16.41
N LYS B 195 31.16 -1.63 -16.96
CA LYS B 195 32.62 -1.68 -16.83
C LYS B 195 33.09 -1.01 -15.54
N LYS B 196 32.60 0.19 -15.23
CA LYS B 196 32.96 0.83 -13.98
C LYS B 196 32.66 -0.05 -12.78
N ALA B 197 31.57 -0.82 -12.85
CA ALA B 197 31.19 -1.71 -11.76
C ALA B 197 31.84 -3.08 -11.86
N GLY B 198 32.47 -3.40 -12.98
CA GLY B 198 33.20 -4.64 -13.11
C GLY B 198 32.38 -5.87 -13.33
N ILE B 199 31.20 -5.74 -13.94
CA ILE B 199 30.35 -6.90 -14.15
C ILE B 199 31.01 -7.85 -15.13
N ASN B 200 31.11 -9.12 -14.74
CA ASN B 200 31.57 -10.18 -15.62
C ASN B 200 30.65 -11.38 -15.44
N GLU B 201 31.14 -12.58 -15.79
CA GLU B 201 30.35 -13.77 -15.54
C GLU B 201 30.53 -14.30 -14.12
N LYS B 202 31.33 -13.64 -13.29
CA LYS B 202 31.38 -13.93 -11.85
C LYS B 202 30.16 -13.38 -11.11
N SER B 203 29.49 -12.37 -11.67
CA SER B 203 28.57 -11.53 -10.93
C SER B 203 27.21 -12.19 -10.77
N SER B 204 26.58 -11.92 -9.62
CA SER B 204 25.22 -12.33 -9.35
C SER B 204 24.24 -11.38 -10.03
N VAL B 205 22.99 -11.81 -10.10
CA VAL B 205 21.91 -10.95 -10.60
C VAL B 205 21.89 -9.61 -9.88
N PHE B 206 22.27 -9.57 -8.60
CA PHE B 206 22.19 -8.34 -7.82
C PHE B 206 23.39 -7.43 -8.06
N ASP B 207 24.57 -8.00 -8.27
CA ASP B 207 25.70 -7.23 -8.75
C ASP B 207 25.33 -6.43 -9.99
N VAL B 208 24.57 -7.03 -10.91
CA VAL B 208 24.21 -6.42 -12.18
C VAL B 208 23.13 -5.34 -11.99
N LEU B 209 22.04 -5.71 -11.31
CA LEU B 209 21.02 -4.72 -10.95
C LEU B 209 21.67 -3.54 -10.21
N ASN B 210 22.59 -3.84 -9.28
CA ASN B 210 23.27 -2.78 -8.55
C ASN B 210 24.06 -1.87 -9.47
N ALA B 211 24.59 -2.41 -10.57
CA ALA B 211 25.38 -1.61 -11.50
C ALA B 211 24.49 -0.82 -12.45
N VAL B 212 23.56 -1.48 -13.15
CA VAL B 212 22.90 -0.87 -14.30
C VAL B 212 21.40 -1.10 -14.33
N GLY B 213 20.83 -1.79 -13.33
CA GLY B 213 19.40 -2.01 -13.26
C GLY B 213 18.65 -0.77 -12.84
N ASP B 214 17.33 -0.90 -12.74
CA ASP B 214 16.52 0.13 -12.12
C ASP B 214 15.66 -0.50 -11.02
N LYS B 215 15.36 0.29 -9.98
CA LYS B 215 14.79 -0.25 -8.73
C LYS B 215 13.42 -0.91 -8.90
N MET B 216 12.67 -0.59 -9.97
CA MET B 216 11.44 -1.31 -10.25
C MET B 216 11.68 -2.81 -10.41
N MET B 217 12.87 -3.20 -10.89
CA MET B 217 13.06 -4.58 -11.34
C MET B 217 13.08 -5.58 -10.19
N PRO B 218 13.90 -5.43 -9.16
CA PRO B 218 13.86 -6.39 -8.04
C PRO B 218 12.49 -6.43 -7.34
N VAL B 219 11.83 -5.28 -7.21
CA VAL B 219 10.52 -5.25 -6.59
C VAL B 219 9.53 -6.10 -7.37
N VAL B 220 9.41 -5.84 -8.68
CA VAL B 220 8.50 -6.61 -9.52
C VAL B 220 8.90 -8.09 -9.54
N ALA B 221 10.20 -8.37 -9.42
CA ALA B 221 10.66 -9.76 -9.30
C ALA B 221 10.13 -10.41 -8.03
N GLY B 222 10.32 -9.75 -6.88
CA GLY B 222 9.74 -10.26 -5.64
C GLY B 222 8.26 -10.49 -5.74
N LEU B 223 7.51 -9.45 -6.15
CA LEU B 223 6.06 -9.57 -6.28
C LEU B 223 5.69 -10.81 -7.09
N ALA B 224 6.34 -10.97 -8.24
CA ALA B 224 5.95 -12.04 -9.16
C ALA B 224 6.23 -13.41 -8.55
N ILE B 225 7.40 -13.59 -7.94
CA ILE B 225 7.76 -14.89 -7.39
C ILE B 225 6.86 -15.22 -6.19
N SER B 226 6.61 -14.23 -5.33
CA SER B 226 5.72 -14.48 -4.19
C SER B 226 4.34 -14.88 -4.67
N PHE B 227 3.89 -14.37 -5.83
CA PHE B 227 2.59 -14.78 -6.34
C PHE B 227 2.65 -16.14 -7.05
N ALA B 228 3.67 -16.37 -7.89
CA ALA B 228 3.82 -17.65 -8.57
C ALA B 228 4.03 -18.79 -7.56
N GLU B 229 4.82 -18.53 -6.51
CA GLU B 229 5.07 -19.55 -5.49
C GLU B 229 3.76 -20.07 -4.90
N ARG B 230 2.72 -19.24 -4.88
CA ARG B 230 1.41 -19.66 -4.43
C ARG B 230 0.58 -20.19 -5.58
N ASN B 231 1.24 -20.56 -6.69
CA ASN B 231 0.60 -21.09 -7.89
C ASN B 231 -0.52 -20.16 -8.37
N LYS B 232 -0.28 -18.85 -8.24
CA LYS B 232 -1.16 -17.81 -8.76
C LYS B 232 -0.51 -17.20 -10.00
N PRO B 233 -1.25 -17.04 -11.09
CA PRO B 233 -0.66 -16.48 -12.30
C PRO B 233 -0.31 -15.02 -12.12
N VAL B 234 0.79 -14.64 -12.76
CA VAL B 234 1.31 -13.27 -12.77
C VAL B 234 1.45 -12.83 -14.22
N ILE B 235 0.86 -11.69 -14.57
CA ILE B 235 1.07 -11.08 -15.88
C ILE B 235 2.10 -9.97 -15.71
N LEU B 236 3.32 -10.24 -16.14
CA LEU B 236 4.35 -9.20 -16.17
C LEU B 236 4.00 -8.19 -17.24
N ALA B 237 3.31 -7.11 -16.85
CA ALA B 237 2.68 -6.19 -17.81
C ALA B 237 3.67 -5.12 -18.23
N GLY B 238 4.34 -5.37 -19.35
CA GLY B 238 5.25 -4.43 -19.98
C GLY B 238 5.91 -5.09 -21.19
N GLY B 239 6.84 -4.36 -21.79
CA GLY B 239 7.56 -4.86 -22.96
C GLY B 239 8.98 -5.29 -22.69
N THR B 240 9.93 -4.72 -23.45
CA THR B 240 11.35 -4.92 -23.20
C THR B 240 11.66 -5.01 -21.72
N GLN B 241 11.23 -4.02 -20.96
CA GLN B 241 11.59 -3.93 -19.54
C GLN B 241 11.23 -5.19 -18.81
N MET B 242 10.04 -5.74 -19.08
CA MET B 242 9.58 -6.94 -18.40
C MET B 242 10.31 -8.20 -18.85
N SER B 243 10.99 -8.16 -20.00
CA SER B 243 11.85 -9.29 -20.33
C SER B 243 13.13 -9.23 -19.51
N ALA B 244 13.60 -8.03 -19.15
CA ALA B 244 14.69 -7.94 -18.19
C ALA B 244 14.28 -8.48 -16.83
N VAL B 245 13.05 -8.17 -16.38
CA VAL B 245 12.55 -8.68 -15.10
C VAL B 245 12.34 -10.20 -15.17
N LEU B 246 11.74 -10.67 -16.26
CA LEU B 246 11.64 -12.11 -16.47
C LEU B 246 13.01 -12.77 -16.37
N ALA B 247 14.02 -12.18 -17.03
CA ALA B 247 15.39 -12.68 -16.90
C ALA B 247 15.82 -12.70 -15.44
N VAL B 248 15.64 -11.57 -14.73
CA VAL B 248 16.04 -11.50 -13.34
C VAL B 248 15.31 -12.55 -12.51
N ILE B 249 14.07 -12.88 -12.87
CA ILE B 249 13.33 -13.89 -12.10
C ILE B 249 13.95 -15.26 -12.27
N LYS B 250 14.54 -15.54 -13.44
CA LYS B 250 15.17 -16.84 -13.67
C LYS B 250 16.48 -16.95 -12.89
N GLU B 251 17.23 -15.84 -12.80
CA GLU B 251 18.45 -15.82 -11.99
C GLU B 251 18.15 -15.94 -10.50
N ILE B 252 16.90 -15.73 -10.09
CA ILE B 252 16.54 -15.73 -8.67
C ILE B 252 15.88 -17.03 -8.26
N ASN B 253 14.94 -17.52 -9.07
CA ASN B 253 14.31 -18.81 -8.77
C ASN B 253 13.82 -19.38 -10.11
N LYS B 254 14.74 -20.02 -10.83
CA LYS B 254 14.38 -20.71 -12.06
C LYS B 254 13.23 -21.68 -11.83
N LYS B 255 13.11 -22.21 -10.61
CA LYS B 255 12.08 -23.19 -10.29
C LYS B 255 10.69 -22.66 -10.63
N VAL B 256 10.30 -21.54 -10.02
CA VAL B 256 8.96 -20.99 -10.25
C VAL B 256 8.73 -20.73 -11.73
N LEU B 257 9.77 -20.28 -12.44
CA LEU B 257 9.65 -20.04 -13.87
C LEU B 257 9.23 -21.31 -14.59
N ASP B 258 9.73 -22.46 -14.11
CA ASP B 258 9.27 -23.75 -14.60
C ASP B 258 7.77 -23.94 -14.42
N LYS B 259 7.14 -23.23 -13.48
CA LYS B 259 5.74 -23.47 -13.14
C LYS B 259 4.77 -23.05 -14.25
N ASN B 260 5.20 -22.21 -15.19
CA ASN B 260 4.38 -21.73 -16.30
C ASN B 260 3.35 -20.70 -15.87
N LEU B 261 3.57 -20.05 -14.73
CA LEU B 261 2.59 -19.11 -14.17
C LEU B 261 2.92 -17.66 -14.48
N ILE B 262 3.98 -17.39 -15.23
CA ILE B 262 4.44 -16.04 -15.48
C ILE B 262 4.46 -15.82 -16.98
N ALA B 263 3.72 -14.81 -17.43
CA ALA B 263 3.71 -14.42 -18.83
C ALA B 263 3.96 -12.93 -18.94
N ILE B 264 4.67 -12.52 -19.99
CA ILE B 264 4.79 -11.13 -20.36
C ILE B 264 3.53 -10.69 -21.09
N GLY B 265 2.95 -9.57 -20.68
CA GLY B 265 1.80 -9.04 -21.37
C GLY B 265 2.02 -7.61 -21.80
N THR B 266 1.96 -7.37 -23.10
CA THR B 266 2.34 -6.08 -23.68
C THR B 266 1.35 -5.74 -24.81
N THR B 267 1.73 -4.80 -25.65
CA THR B 267 0.87 -4.28 -26.71
C THR B 267 1.36 -4.75 -28.07
N GLU B 268 0.46 -4.72 -29.05
CA GLU B 268 0.84 -4.98 -30.45
C GLU B 268 1.99 -4.09 -30.88
N PHE B 269 1.97 -2.82 -30.46
CA PHE B 269 3.01 -1.86 -30.81
C PHE B 269 4.38 -2.23 -30.27
N VAL B 270 4.46 -3.16 -29.33
CA VAL B 270 5.76 -3.61 -28.83
C VAL B 270 6.18 -4.92 -29.48
N LEU B 271 5.23 -5.85 -29.59
CA LEU B 271 5.54 -7.13 -30.23
C LEU B 271 6.03 -6.90 -31.66
N ASN B 272 5.23 -6.19 -32.45
CA ASN B 272 5.53 -5.84 -33.82
C ASN B 272 6.36 -4.56 -33.95
N ASP B 273 7.37 -4.36 -33.10
CA ASP B 273 8.22 -3.17 -33.19
C ASP B 273 9.45 -3.46 -34.05
N LYS B 274 9.71 -2.59 -35.03
CA LYS B 274 10.80 -2.83 -35.96
C LYS B 274 12.15 -2.53 -35.32
N LYS B 275 12.28 -1.35 -34.69
CA LYS B 275 13.50 -0.91 -34.05
C LYS B 275 13.87 -1.76 -32.77
N GLY B 276 13.11 -2.80 -32.45
CA GLY B 276 13.50 -3.73 -31.41
C GLY B 276 13.05 -5.14 -31.76
N ASP B 277 13.34 -6.06 -30.84
CA ASP B 277 13.04 -7.48 -31.06
C ASP B 277 12.73 -8.12 -29.71
N LEU B 278 11.46 -8.08 -29.30
CA LEU B 278 11.09 -8.57 -27.98
C LEU B 278 11.11 -10.10 -27.91
N LYS B 279 10.50 -10.76 -28.89
CA LYS B 279 10.41 -12.21 -28.87
C LYS B 279 11.78 -12.86 -28.97
N GLY B 280 12.74 -12.15 -29.58
CA GLY B 280 14.10 -12.67 -29.63
C GLY B 280 14.76 -12.70 -28.27
N ILE B 281 14.57 -11.65 -27.47
CA ILE B 281 15.10 -11.66 -26.11
C ILE B 281 14.45 -12.75 -25.28
N VAL B 282 13.11 -12.83 -25.34
CA VAL B 282 12.40 -13.86 -24.56
C VAL B 282 12.95 -15.24 -24.91
N GLU B 283 12.94 -15.57 -26.21
CA GLU B 283 13.51 -16.83 -26.70
C GLU B 283 14.82 -17.18 -25.98
N GLN B 284 15.78 -16.25 -25.94
CA GLN B 284 17.02 -16.55 -25.24
C GLN B 284 16.81 -16.86 -23.75
N ILE B 285 15.68 -16.48 -23.17
CA ILE B 285 15.43 -16.65 -21.73
C ILE B 285 14.70 -17.95 -21.43
N GLY B 286 13.60 -18.22 -22.13
CA GLY B 286 12.81 -19.41 -21.85
C GLY B 286 11.56 -19.46 -22.69
N ASN B 287 10.91 -20.62 -22.65
CA ASN B 287 9.60 -20.83 -23.26
C ASN B 287 8.54 -20.20 -22.34
N VAL B 288 8.34 -18.89 -22.52
CA VAL B 288 7.44 -18.11 -21.66
C VAL B 288 6.35 -17.49 -22.53
N PRO B 289 5.09 -17.49 -22.10
CA PRO B 289 4.05 -16.86 -22.93
C PRO B 289 4.28 -15.36 -23.07
N VAL B 290 4.30 -14.90 -24.31
CA VAL B 290 4.29 -13.47 -24.62
C VAL B 290 2.95 -13.16 -25.26
N LEU B 291 2.27 -12.15 -24.74
CA LEU B 291 0.89 -11.89 -25.14
C LEU B 291 0.74 -10.39 -25.41
N ALA B 292 0.45 -10.03 -26.66
CA ALA B 292 0.20 -8.65 -27.03
C ALA B 292 -1.29 -8.44 -27.25
N SER B 293 -1.73 -7.23 -26.98
CA SER B 293 -3.13 -6.85 -27.07
C SER B 293 -3.29 -5.89 -28.24
N LYS B 294 -4.35 -6.05 -29.00
CA LYS B 294 -4.60 -5.24 -30.18
C LYS B 294 -5.67 -4.21 -29.85
N PHE B 295 -5.38 -2.95 -30.20
CA PHE B 295 -6.19 -1.81 -29.83
C PHE B 295 -6.88 -1.14 -31.00
N TYR B 296 -6.47 -1.44 -32.24
CA TYR B 296 -7.14 -0.92 -33.43
C TYR B 296 -7.15 0.61 -33.42
N PHE B 297 -6.01 1.19 -33.04
CA PHE B 297 -5.83 2.63 -33.09
C PHE B 297 -5.57 3.13 -34.50
N GLU B 298 -5.60 2.24 -35.49
CA GLU B 298 -5.62 2.69 -36.88
C GLU B 298 -6.90 3.47 -37.18
N LYS B 299 -8.05 2.92 -36.76
CA LYS B 299 -9.38 3.53 -36.90
C LYS B 299 -9.72 4.45 -35.72
N ALA B 300 -8.76 5.26 -35.27
CA ALA B 300 -8.96 6.09 -34.09
C ALA B 300 -9.59 7.43 -34.48
N LYS B 301 -9.80 8.28 -33.49
CA LYS B 301 -10.24 9.65 -33.74
C LYS B 301 -9.43 10.69 -32.97
N ILE B 302 -8.38 10.28 -32.26
CA ILE B 302 -7.38 11.20 -31.72
C ILE B 302 -6.08 10.91 -32.48
N GLU B 303 -5.56 11.91 -33.20
CA GLU B 303 -4.33 11.58 -33.88
C GLU B 303 -3.17 11.39 -32.90
N GLY B 304 -3.39 11.68 -31.62
CA GLY B 304 -2.46 11.22 -30.60
C GLY B 304 -2.50 9.71 -30.43
N LEU B 305 -3.67 9.10 -30.64
CA LEU B 305 -3.80 7.65 -30.54
C LEU B 305 -3.33 6.96 -31.82
N LYS B 306 -3.65 7.51 -32.99
CA LYS B 306 -3.10 6.96 -34.22
C LYS B 306 -1.57 6.84 -34.12
N ASN B 307 -0.93 7.82 -33.48
CA ASN B 307 0.52 7.86 -33.40
C ASN B 307 1.12 6.62 -32.74
N TYR B 308 0.31 5.82 -32.02
CA TYR B 308 0.79 4.55 -31.50
C TYR B 308 1.18 3.61 -32.63
N CYS B 309 0.48 3.69 -33.77
CA CYS B 309 0.78 2.83 -34.91
C CYS B 309 2.09 3.21 -35.59
N LYS B 310 2.67 4.35 -35.22
CA LYS B 310 3.90 4.84 -35.81
C LYS B 310 5.05 4.85 -34.80
N GLY B 311 4.91 4.13 -33.69
CA GLY B 311 5.98 4.02 -32.73
C GLY B 311 5.99 5.06 -31.62
N SER B 312 5.02 5.97 -31.58
CA SER B 312 4.92 6.89 -30.44
C SER B 312 4.35 6.16 -29.22
N VAL B 313 5.15 6.05 -28.16
CA VAL B 313 4.71 5.58 -26.85
C VAL B 313 4.73 4.05 -26.77
N LYS B 314 3.86 3.40 -27.55
CA LYS B 314 3.86 1.95 -27.66
C LYS B 314 3.22 1.25 -26.45
N GLU B 315 3.64 1.62 -25.25
CA GLU B 315 3.46 0.77 -24.10
C GLU B 315 3.87 1.55 -22.86
N GLY B 316 3.54 1.00 -21.70
CA GLY B 316 3.84 1.61 -20.41
C GLY B 316 2.64 1.53 -19.47
N VAL B 317 2.92 1.70 -18.18
CA VAL B 317 1.93 1.73 -17.11
C VAL B 317 1.07 0.47 -17.15
N GLY B 318 1.66 -0.67 -17.56
CA GLY B 318 0.96 -1.94 -17.58
C GLY B 318 -0.19 -2.00 -18.58
N ALA B 319 -0.22 -0.99 -19.46
CA ALA B 319 -1.30 -0.83 -20.42
C ALA B 319 -1.56 -2.12 -21.21
N GLY B 320 -0.50 -2.71 -21.81
CA GLY B 320 -0.68 -3.87 -22.68
C GLY B 320 -1.15 -5.10 -21.94
N GLY B 321 -0.57 -5.38 -20.77
CA GLY B 321 -0.92 -6.58 -20.02
C GLY B 321 -2.30 -6.51 -19.38
N ILE B 322 -2.72 -5.33 -18.96
CA ILE B 322 -4.07 -5.20 -18.39
C ILE B 322 -5.10 -5.24 -19.52
N ALA B 323 -4.74 -4.76 -20.71
CA ALA B 323 -5.61 -4.92 -21.87
C ALA B 323 -5.78 -6.40 -22.21
N VAL B 324 -4.68 -7.15 -22.20
CA VAL B 324 -4.74 -8.59 -22.40
C VAL B 324 -5.75 -9.20 -21.43
N TYR B 325 -5.57 -8.94 -20.14
CA TYR B 325 -6.52 -9.45 -19.16
C TYR B 325 -7.94 -9.03 -19.51
N SER B 326 -8.16 -7.72 -19.67
CA SER B 326 -9.48 -7.21 -19.97
C SER B 326 -10.10 -7.89 -21.18
N ILE B 327 -9.32 -8.08 -22.24
CA ILE B 327 -9.85 -8.62 -23.49
C ILE B 327 -10.21 -10.09 -23.35
N VAL B 328 -9.36 -10.86 -22.66
CA VAL B 328 -9.68 -12.26 -22.37
C VAL B 328 -10.99 -12.37 -21.61
N ASN B 329 -11.34 -11.36 -20.84
CA ASN B 329 -12.59 -11.42 -20.08
C ASN B 329 -13.65 -10.52 -20.75
N ASP B 330 -13.88 -10.81 -22.04
CA ASP B 330 -15.01 -10.35 -22.83
C ASP B 330 -15.14 -8.83 -22.92
N LEU B 331 -14.05 -8.08 -22.74
CA LEU B 331 -14.08 -6.66 -23.06
C LEU B 331 -13.90 -6.44 -24.56
N GLU B 332 -14.80 -5.67 -25.15
CA GLU B 332 -14.70 -5.32 -26.57
C GLU B 332 -13.51 -4.38 -26.75
N PRO B 333 -12.48 -4.76 -27.50
CA PRO B 333 -11.24 -3.96 -27.51
C PRO B 333 -11.45 -2.52 -27.96
N THR B 334 -12.51 -2.21 -28.69
CA THR B 334 -12.71 -0.84 -29.16
C THR B 334 -13.16 0.08 -28.04
N LYS B 335 -13.80 -0.46 -26.99
CA LYS B 335 -14.16 0.34 -25.83
C LYS B 335 -12.95 1.13 -25.31
N ILE B 336 -11.79 0.46 -25.18
CA ILE B 336 -10.56 1.14 -24.78
C ILE B 336 -10.38 2.41 -25.59
N ARG B 337 -10.35 2.26 -26.92
CA ARG B 337 -10.18 3.42 -27.79
C ARG B 337 -11.29 4.45 -27.60
N GLU B 338 -12.54 3.99 -27.44
CA GLU B 338 -13.64 4.93 -27.20
C GLU B 338 -13.46 5.66 -25.90
N PHE B 339 -13.16 4.92 -24.83
CA PHE B 339 -12.99 5.52 -23.51
C PHE B 339 -11.99 6.67 -23.59
N ILE B 340 -10.78 6.38 -24.05
CA ILE B 340 -9.78 7.43 -24.19
C ILE B 340 -10.31 8.55 -25.06
N GLU B 341 -10.89 8.20 -26.20
CA GLU B 341 -11.50 9.18 -27.09
C GLU B 341 -12.46 10.10 -26.34
N ASN B 342 -13.38 9.52 -25.57
CA ASN B 342 -14.39 10.35 -24.90
C ASN B 342 -13.75 11.17 -23.79
N LYS B 343 -12.96 10.54 -22.93
CA LYS B 343 -12.38 11.25 -21.80
C LYS B 343 -11.30 12.25 -22.19
N PHE B 344 -10.97 12.37 -23.47
CA PHE B 344 -9.73 13.04 -23.87
C PHE B 344 -9.76 14.53 -23.57
N TYR B 345 -10.84 15.22 -23.93
CA TYR B 345 -10.87 16.67 -23.71
C TYR B 345 -10.69 17.02 -22.24
N GLU B 346 -11.31 16.26 -21.34
CA GLU B 346 -11.15 16.50 -19.91
C GLU B 346 -9.67 16.46 -19.52
N TRP B 347 -9.02 15.33 -19.81
CA TRP B 347 -7.65 15.10 -19.38
C TRP B 347 -6.68 16.11 -19.96
N TYR B 348 -7.00 16.72 -21.09
CA TYR B 348 -6.03 17.54 -21.80
C TYR B 348 -6.56 18.94 -22.18
#